data_5QCP
#
_entry.id   5QCP
#
_cell.length_a   82.014
_cell.length_b   103.364
_cell.length_c   100.120
_cell.angle_alpha   90.00
_cell.angle_beta   103.70
_cell.angle_gamma   90.00
#
_symmetry.space_group_name_H-M   'P 1 21 1'
#
loop_
_entity.id
_entity.type
_entity.pdbx_description
1 polymer 'Beta-secretase 1'
2 non-polymer (4S)-4-[(1R)-1-hydroxy-2-({[3-(propan-2-yl)phenyl]methyl}amino)ethyl]-19-(2-oxopropoxy)-11,16-dioxa-3-azatricyclo[15.3.1.1~6,10~]docosa-1(21),6(22),7,9,17,19-hexaen-2-one
3 water water
#
_entity_poly.entity_id   1
_entity_poly.type   'polypeptide(L)'
_entity_poly.pdbx_seq_one_letter_code
;GPDEEPEEPGRRGSFVEMVDNLRGKSGQGYYVEMTVGSPPQTLNILVDTGSSNFAVGAAPHPFLHRYYQRQLSSTYRDLR
KGVYVPYTQGKWEGELGTDLVSIPHGPNVTVRANIAAITESDKFFINGSNWEGILGLAYAEIARPDDSLEPFFDSLVKQT
HVPNLFSLQLCGAGFPLNQSEVLASVGGSMIIGGIDHSLYTGSLWYTPIRREWYYEVIIVRVEINGQDLKMDCKEYNYDK
SIVDSGTTNLRLPKKVFEAAVKSIKAASSTEKFPDGFWLGEQLVCWQAGTTPWNIFPVISLYLMGEVTNQSFRITILPQQ
YLRPVEDVATSQDDCYKFAISQSSTGTVMGAVIMEGFYVVFDRARKRIGFAVSACHVHDEFRTAAVEGPFVTLDMEDCGY
NI
;
_entity_poly.pdbx_strand_id   A,B,C
#
loop_
_chem_comp.id
_chem_comp.type
_chem_comp.name
_chem_comp.formula
E4G non-polymer (4S)-4-[(1R)-1-hydroxy-2-({[3-(propan-2-yl)phenyl]methyl}amino)ethyl]-19-(2-oxopropoxy)-11,16-dioxa-3-azatricyclo[15.3.1.1~6,10~]docosa-1(21),6(22),7,9,17,19-hexaen-2-one 'C34 H42 N2 O6'
#
# COMPACT_ATOMS: atom_id res chain seq x y z
N SER A 14 14.96 34.41 -7.99
CA SER A 14 16.36 34.00 -8.18
C SER A 14 16.49 32.48 -8.34
N PHE A 15 15.38 31.83 -8.67
CA PHE A 15 15.36 30.37 -8.75
C PHE A 15 16.00 29.82 -10.01
N VAL A 16 16.16 30.63 -11.07
CA VAL A 16 16.73 30.12 -12.31
C VAL A 16 18.11 29.54 -12.08
N GLU A 17 18.83 30.04 -11.05
CA GLU A 17 20.16 29.50 -10.76
C GLU A 17 20.11 28.08 -10.22
N MET A 18 18.95 27.58 -9.83
CA MET A 18 18.86 26.25 -9.29
C MET A 18 18.24 25.26 -10.27
N VAL A 19 17.65 25.74 -11.36
CA VAL A 19 17.14 24.83 -12.38
C VAL A 19 18.29 23.99 -12.91
N ASP A 20 18.07 22.68 -13.03
CA ASP A 20 19.04 21.73 -13.57
C ASP A 20 20.25 21.57 -12.65
N ASN A 21 20.07 21.76 -11.34
CA ASN A 21 21.17 21.59 -10.41
C ASN A 21 21.30 20.15 -9.91
N LEU A 22 20.50 19.23 -10.43
CA LEU A 22 20.64 17.83 -10.03
C LEU A 22 21.08 16.97 -11.20
N ARG A 23 21.87 15.95 -10.85
CA ARG A 23 22.35 14.92 -11.76
C ARG A 23 22.14 13.55 -11.15
N GLY A 24 22.27 12.52 -12.00
CA GLY A 24 22.21 11.15 -11.53
C GLY A 24 22.35 10.15 -12.64
N LYS A 25 22.44 8.89 -12.23
CA LYS A 25 22.26 7.74 -13.11
C LYS A 25 20.94 7.03 -12.78
N SER A 26 20.29 6.48 -13.80
CA SER A 26 19.05 5.73 -13.61
C SER A 26 19.18 4.70 -12.49
N GLY A 27 18.30 4.79 -11.49
CA GLY A 27 18.26 3.89 -10.35
C GLY A 27 19.39 4.04 -9.34
N GLN A 28 20.24 5.05 -9.48
CA GLN A 28 21.34 5.26 -8.55
C GLN A 28 21.21 6.56 -7.79
N GLY A 29 20.07 7.26 -7.90
CA GLY A 29 19.81 8.42 -7.08
C GLY A 29 20.11 9.73 -7.79
N TYR A 30 19.44 10.79 -7.35
CA TYR A 30 19.71 12.15 -7.80
C TYR A 30 20.57 12.87 -6.78
N TYR A 31 21.59 13.58 -7.26
CA TYR A 31 22.49 14.27 -6.35
C TYR A 31 22.66 15.74 -6.76
N VAL A 32 22.99 16.54 -5.76
CA VAL A 32 23.29 17.94 -5.91
C VAL A 32 24.72 18.17 -5.43
N GLU A 33 25.38 19.16 -6.03
CA GLU A 33 26.73 19.49 -5.61
C GLU A 33 26.69 20.39 -4.37
N MET A 34 27.53 20.07 -3.39
CA MET A 34 27.64 20.85 -2.15
C MET A 34 29.13 21.06 -1.83
N THR A 35 29.39 22.01 -0.94
CA THR A 35 30.72 22.13 -0.35
C THR A 35 30.63 22.13 1.16
N VAL A 36 31.62 21.51 1.79
CA VAL A 36 31.77 21.52 3.24
C VAL A 36 33.17 21.99 3.60
N GLY A 37 33.27 22.75 4.68
CA GLY A 37 34.54 23.10 5.27
C GLY A 37 35.13 24.39 4.74
N SER A 38 36.21 24.80 5.39
CA SER A 38 36.97 25.99 4.99
C SER A 38 38.42 25.57 4.89
N PRO A 39 39.05 25.63 3.70
CA PRO A 39 38.48 26.02 2.40
C PRO A 39 37.47 24.99 1.85
N PRO A 40 36.57 25.42 0.95
CA PRO A 40 35.47 24.54 0.51
C PRO A 40 35.97 23.24 -0.13
N GLN A 41 35.41 22.13 0.34
CA GLN A 41 35.62 20.83 -0.29
C GLN A 41 34.35 20.46 -1.04
N THR A 42 34.50 20.10 -2.32
CA THR A 42 33.35 19.89 -3.19
C THR A 42 32.98 18.41 -3.18
N LEU A 43 31.69 18.14 -2.96
CA LEU A 43 31.16 16.78 -2.92
C LEU A 43 29.79 16.75 -3.59
N ASN A 44 29.49 15.62 -4.21
CA ASN A 44 28.17 15.34 -4.74
C ASN A 44 27.33 14.63 -3.68
N ILE A 45 26.16 15.17 -3.39
CA ILE A 45 25.33 14.72 -2.26
C ILE A 45 23.98 14.24 -2.78
N LEU A 46 23.64 12.99 -2.47
CA LEU A 46 22.33 12.43 -2.79
C LEU A 46 21.19 13.19 -2.11
N VAL A 47 20.15 13.49 -2.88
CA VAL A 47 18.97 14.20 -2.39
C VAL A 47 17.96 13.16 -1.91
N ASP A 48 17.70 13.11 -0.61
CA ASP A 48 16.93 12.01 -0.03
C ASP A 48 15.86 12.56 0.92
N THR A 49 14.61 12.66 0.44
CA THR A 49 13.51 13.04 1.32
C THR A 49 13.04 11.89 2.21
N GLY A 50 13.68 10.72 2.13
CA GLY A 50 13.33 9.59 2.94
C GLY A 50 14.15 9.40 4.22
N SER A 51 15.00 10.37 4.58
CA SER A 51 15.76 10.30 5.82
C SER A 51 16.10 11.73 6.25
N SER A 52 16.85 11.86 7.35
CA SER A 52 17.02 13.17 7.97
C SER A 52 18.44 13.44 8.44
N ASN A 53 19.42 12.63 8.03
CA ASN A 53 20.82 12.82 8.40
C ASN A 53 21.60 13.34 7.21
N PHE A 54 22.41 14.37 7.44
CA PHE A 54 23.41 14.82 6.47
C PHE A 54 24.69 14.03 6.72
N ALA A 55 25.15 13.26 5.73
CA ALA A 55 26.31 12.40 5.93
C ALA A 55 27.17 12.33 4.67
N VAL A 56 28.48 12.28 4.85
CA VAL A 56 29.41 12.21 3.73
C VAL A 56 30.54 11.23 4.01
N GLY A 57 31.03 10.61 2.95
CA GLY A 57 32.26 9.84 3.04
C GLY A 57 33.37 10.66 3.64
N ALA A 58 34.06 10.11 4.65
CA ALA A 58 35.12 10.81 5.35
C ALA A 58 36.34 9.92 5.53
N ALA A 59 36.45 8.87 4.71
CA ALA A 59 37.50 7.87 4.76
C ALA A 59 37.52 7.15 3.41
N PRO A 60 38.67 6.62 2.99
CA PRO A 60 38.73 5.97 1.67
C PRO A 60 37.74 4.83 1.54
N HIS A 61 37.27 4.64 0.30
CA HIS A 61 36.35 3.56 0.00
C HIS A 61 36.52 3.24 -1.47
N PRO A 62 36.41 1.96 -1.85
CA PRO A 62 36.61 1.59 -3.25
C PRO A 62 35.71 2.34 -4.23
N PHE A 63 34.51 2.73 -3.82
CA PHE A 63 33.56 3.40 -4.70
C PHE A 63 33.60 4.92 -4.57
N LEU A 64 34.38 5.46 -3.63
CA LEU A 64 34.49 6.90 -3.42
C LEU A 64 35.69 7.45 -4.18
N HIS A 65 35.46 8.47 -5.01
CA HIS A 65 36.54 9.13 -5.73
C HIS A 65 37.08 10.33 -4.97
N ARG A 66 36.34 10.82 -3.98
CA ARG A 66 36.79 11.86 -3.08
C ARG A 66 36.01 11.67 -1.79
N TYR A 67 36.43 12.38 -0.74
CA TYR A 67 35.71 12.34 0.51
C TYR A 67 36.07 13.56 1.35
N TYR A 68 35.29 13.75 2.41
CA TYR A 68 35.46 14.84 3.34
C TYR A 68 36.71 14.61 4.17
N GLN A 69 37.57 15.62 4.24
CA GLN A 69 38.81 15.54 5.03
C GLN A 69 38.72 16.58 6.13
N ARG A 70 38.29 16.13 7.31
CA ARG A 70 38.03 17.06 8.40
C ARG A 70 39.29 17.85 8.79
N GLN A 71 40.45 17.18 8.73
CA GLN A 71 41.72 17.80 9.11
C GLN A 71 42.05 19.03 8.26
N LEU A 72 41.57 19.08 7.01
CA LEU A 72 41.86 20.21 6.13
C LEU A 72 40.86 21.35 6.25
N SER A 73 39.90 21.26 7.17
CA SER A 73 38.88 22.29 7.30
C SER A 73 39.13 23.06 8.59
N SER A 74 39.34 24.37 8.47
CA SER A 74 39.58 25.18 9.65
C SER A 74 38.31 25.43 10.43
N THR A 75 37.14 25.22 9.83
CA THR A 75 35.88 25.42 10.52
C THR A 75 35.28 24.14 11.08
N TYR A 76 35.93 22.99 10.86
CA TYR A 76 35.40 21.73 11.40
C TYR A 76 35.39 21.74 12.93
N ARG A 77 34.28 21.29 13.51
CA ARG A 77 34.18 21.08 14.95
C ARG A 77 33.72 19.66 15.22
N ASP A 78 34.43 18.95 16.09
CA ASP A 78 34.04 17.61 16.48
C ASP A 78 32.95 17.67 17.54
N LEU A 79 31.98 16.76 17.44
CA LEU A 79 30.90 16.67 18.41
C LEU A 79 31.11 15.53 19.40
N ARG A 80 32.17 14.73 19.24
CA ARG A 80 32.54 13.69 20.18
C ARG A 80 31.33 12.78 20.48
N LYS A 81 30.67 12.38 19.42
CA LYS A 81 29.52 11.48 19.43
C LYS A 81 29.58 10.62 18.18
N GLY A 82 29.32 9.32 18.32
CA GLY A 82 29.20 8.45 17.16
C GLY A 82 27.78 8.44 16.63
N VAL A 83 27.61 7.79 15.47
CA VAL A 83 26.31 7.73 14.82
C VAL A 83 26.32 6.60 13.82
N TYR A 84 25.16 5.96 13.65
CA TYR A 84 24.95 4.93 12.64
C TYR A 84 23.52 5.07 12.11
N VAL A 85 23.32 4.83 10.83
CA VAL A 85 22.01 4.89 10.18
C VAL A 85 21.76 3.63 9.42
N PRO A 86 20.75 2.82 9.69
CA PRO A 86 20.40 1.70 8.82
C PRO A 86 19.24 2.04 7.90
N TYR A 87 19.45 1.99 6.59
CA TYR A 87 18.36 2.24 5.65
C TYR A 87 17.68 0.92 5.29
N THR A 88 16.67 0.98 4.44
CA THR A 88 16.15 -0.23 3.83
C THR A 88 17.25 -0.95 3.06
N GLN A 89 18.07 -0.19 2.35
CA GLN A 89 19.25 -0.68 1.64
C GLN A 89 20.50 0.03 2.15
N GLY A 90 21.44 -0.72 2.70
CA GLY A 90 22.71 -0.19 3.12
C GLY A 90 22.65 0.43 4.51
N LYS A 91 23.84 0.65 5.07
CA LYS A 91 24.00 1.31 6.36
C LYS A 91 25.42 1.84 6.46
N TRP A 92 25.60 2.82 7.33
CA TRP A 92 26.92 3.39 7.57
C TRP A 92 26.98 3.80 9.03
N GLU A 93 28.19 3.94 9.52
CA GLU A 93 28.43 4.53 10.83
C GLU A 93 29.55 5.55 10.71
N GLY A 94 29.60 6.46 11.67
CA GLY A 94 30.58 7.52 11.60
C GLY A 94 30.60 8.40 12.83
N GLU A 95 31.25 9.56 12.68
CA GLU A 95 31.48 10.49 13.77
C GLU A 95 30.75 11.80 13.47
N LEU A 96 30.02 12.32 14.46
CA LEU A 96 29.29 13.56 14.26
C LEU A 96 30.18 14.77 14.49
N GLY A 97 29.93 15.82 13.73
CA GLY A 97 30.60 17.10 13.86
C GLY A 97 29.75 18.15 13.17
N THR A 98 30.25 19.37 13.17
CA THR A 98 29.62 20.44 12.41
C THR A 98 30.68 21.10 11.52
N ASP A 99 30.20 21.72 10.46
CA ASP A 99 31.07 22.47 9.57
C ASP A 99 30.20 23.39 8.73
N LEU A 100 30.86 24.30 8.01
CA LEU A 100 30.16 25.21 7.11
C LEU A 100 29.84 24.49 5.81
N VAL A 101 28.64 24.74 5.30
CA VAL A 101 28.14 24.03 4.13
C VAL A 101 27.53 25.06 3.19
N SER A 102 27.77 24.88 1.89
CA SER A 102 27.15 25.70 0.85
C SER A 102 26.65 24.83 -0.29
N ILE A 103 25.69 25.37 -1.04
CA ILE A 103 25.16 24.75 -2.24
C ILE A 103 25.45 25.66 -3.41
N PRO A 104 26.48 25.34 -4.20
CA PRO A 104 26.89 26.27 -5.28
C PRO A 104 25.75 26.67 -6.20
N HIS A 105 24.98 25.70 -6.70
CA HIS A 105 23.81 26.01 -7.53
C HIS A 105 22.53 25.94 -6.71
N GLY A 106 22.56 26.64 -5.58
CA GLY A 106 21.42 26.77 -4.70
C GLY A 106 21.36 28.19 -4.22
N PRO A 107 20.77 28.42 -3.05
CA PRO A 107 20.77 29.77 -2.48
C PRO A 107 22.18 30.22 -2.16
N ASN A 108 22.39 31.53 -2.15
CA ASN A 108 23.72 32.05 -1.92
C ASN A 108 23.88 32.32 -0.43
N VAL A 109 24.04 31.24 0.34
CA VAL A 109 24.18 31.31 1.79
C VAL A 109 25.13 30.21 2.24
N THR A 110 25.58 30.33 3.49
CA THR A 110 26.46 29.36 4.10
C THR A 110 25.91 29.10 5.49
N VAL A 111 25.72 27.83 5.83
CA VAL A 111 25.15 27.46 7.12
C VAL A 111 26.13 26.56 7.85
N ARG A 112 26.13 26.67 9.17
CA ARG A 112 26.78 25.67 10.00
C ARG A 112 25.79 24.53 10.22
N ALA A 113 26.16 23.33 9.79
CA ALA A 113 25.25 22.21 9.78
C ALA A 113 25.88 20.99 10.44
N ASN A 114 25.02 20.15 11.00
CA ASN A 114 25.49 18.85 11.47
C ASN A 114 25.98 18.03 10.29
N ILE A 115 27.11 17.35 10.48
CA ILE A 115 27.66 16.48 9.45
C ILE A 115 28.12 15.19 10.11
N ALA A 116 27.58 14.07 9.63
CA ALA A 116 28.06 12.74 10.01
C ALA A 116 29.17 12.34 9.04
N ALA A 117 30.38 12.19 9.56
CA ALA A 117 31.53 11.77 8.78
C ALA A 117 31.58 10.25 8.70
N ILE A 118 31.30 9.68 7.52
CA ILE A 118 31.20 8.23 7.40
C ILE A 118 32.60 7.62 7.41
N THR A 119 32.85 6.75 8.39
CA THR A 119 34.10 6.01 8.51
C THR A 119 33.97 4.55 8.10
N GLU A 120 32.78 3.96 8.20
CA GLU A 120 32.51 2.60 7.76
C GLU A 120 31.10 2.53 7.21
N SER A 121 30.91 1.63 6.26
CA SER A 121 29.64 1.53 5.56
C SER A 121 29.52 0.10 5.02
N ASP A 122 28.29 -0.32 4.78
CA ASP A 122 27.98 -1.65 4.27
C ASP A 122 26.89 -1.51 3.21
N LYS A 123 27.26 -1.79 1.95
CA LYS A 123 26.37 -1.68 0.78
C LYS A 123 25.60 -0.35 0.76
N PHE A 124 26.28 0.73 1.10
CA PHE A 124 25.68 2.07 1.06
C PHE A 124 26.09 2.82 -0.20
N PHE A 125 27.39 3.12 -0.33
CA PHE A 125 27.89 3.75 -1.54
C PHE A 125 27.72 2.80 -2.73
N ILE A 126 27.33 3.37 -3.86
CA ILE A 126 27.00 2.60 -5.06
C ILE A 126 28.11 2.83 -6.07
N ASN A 127 28.63 1.74 -6.63
CA ASN A 127 29.74 1.85 -7.57
C ASN A 127 29.31 2.63 -8.81
N GLY A 128 30.01 3.75 -9.06
CA GLY A 128 29.75 4.55 -10.24
C GLY A 128 28.58 5.51 -10.16
N SER A 129 27.99 5.71 -8.97
CA SER A 129 26.86 6.62 -8.86
C SER A 129 27.28 8.08 -8.90
N ASN A 130 28.55 8.37 -8.62
CA ASN A 130 29.16 9.69 -8.61
C ASN A 130 28.72 10.57 -7.44
N TRP A 131 28.05 10.02 -6.41
CA TRP A 131 27.86 10.79 -5.20
C TRP A 131 28.65 10.20 -4.05
N GLU A 132 28.95 11.06 -3.09
CA GLU A 132 29.85 10.77 -1.99
C GLU A 132 29.20 10.97 -0.63
N GLY A 133 27.96 11.44 -0.57
CA GLY A 133 27.25 11.67 0.66
C GLY A 133 25.76 11.72 0.39
N ILE A 134 25.00 11.95 1.46
CA ILE A 134 23.54 11.91 1.45
C ILE A 134 23.00 13.11 2.22
N LEU A 135 21.95 13.73 1.68
CA LEU A 135 21.29 14.87 2.30
C LEU A 135 19.86 14.46 2.63
N GLY A 136 19.65 14.02 3.88
CA GLY A 136 18.32 13.66 4.33
C GLY A 136 17.47 14.90 4.58
N LEU A 137 16.41 15.06 3.80
CA LEU A 137 15.61 16.28 3.86
C LEU A 137 14.35 16.15 4.72
N ALA A 138 14.13 14.99 5.35
CA ALA A 138 12.96 14.81 6.22
C ALA A 138 13.26 15.39 7.61
N TYR A 139 12.37 15.13 8.57
CA TYR A 139 12.30 15.87 9.83
C TYR A 139 13.11 15.23 10.95
N ALA A 140 13.36 16.01 12.01
CA ALA A 140 14.23 15.58 13.10
C ALA A 140 13.76 14.28 13.74
N GLU A 141 12.45 14.03 13.74
CA GLU A 141 11.89 12.89 14.46
C GLU A 141 12.50 11.55 14.03
N ILE A 142 13.03 11.44 12.81
CA ILE A 142 13.67 10.21 12.36
C ILE A 142 15.18 10.39 12.19
N ALA A 143 15.75 11.47 12.67
CA ALA A 143 17.21 11.60 12.65
C ALA A 143 17.84 10.63 13.65
N ARG A 144 19.07 10.15 13.30
CA ARG A 144 19.89 9.40 14.24
C ARG A 144 20.98 10.28 14.82
N PRO A 145 21.42 10.05 16.06
CA PRO A 145 20.94 8.99 16.94
C PRO A 145 19.58 9.27 17.57
N ASP A 146 19.10 10.51 17.49
CA ASP A 146 17.80 10.87 18.01
C ASP A 146 17.40 12.23 17.43
N ASP A 147 16.23 12.71 17.81
CA ASP A 147 15.69 13.92 17.19
C ASP A 147 16.35 15.18 17.66
N SER A 148 17.38 15.12 18.49
CA SER A 148 18.08 16.33 18.90
C SER A 148 19.19 16.73 17.92
N LEU A 149 19.49 15.88 16.94
CA LEU A 149 20.45 16.28 15.91
C LEU A 149 19.69 17.01 14.82
N GLU A 150 19.81 18.32 14.80
CA GLU A 150 19.12 19.16 13.84
C GLU A 150 19.42 18.78 12.38
N PRO A 151 18.43 18.44 11.58
CA PRO A 151 18.67 18.16 10.17
C PRO A 151 19.10 19.41 9.40
N PHE A 152 19.79 19.17 8.28
CA PHE A 152 20.34 20.26 7.48
C PHE A 152 19.31 21.34 7.15
N PHE A 153 18.14 20.92 6.64
CA PHE A 153 17.20 21.93 6.16
C PHE A 153 16.65 22.76 7.31
N ASP A 154 16.49 22.17 8.50
CA ASP A 154 16.10 22.98 9.65
C ASP A 154 17.18 24.01 9.98
N SER A 155 18.46 23.63 9.89
CA SER A 155 19.54 24.58 10.10
C SER A 155 19.51 25.68 9.06
N LEU A 156 19.31 25.30 7.79
CA LEU A 156 19.25 26.30 6.71
C LEU A 156 18.18 27.35 6.98
N VAL A 157 16.97 26.92 7.30
CA VAL A 157 15.86 27.85 7.52
C VAL A 157 16.11 28.70 8.76
N LYS A 158 16.75 28.13 9.78
CA LYS A 158 16.89 28.84 11.04
C LYS A 158 18.01 29.88 10.98
N GLN A 159 19.06 29.63 10.19
CA GLN A 159 20.21 30.53 10.08
C GLN A 159 20.14 31.50 8.90
N THR A 160 19.20 31.32 7.96
CA THR A 160 19.08 32.24 6.83
C THR A 160 17.65 32.73 6.70
N HIS A 161 17.35 33.44 5.61
CA HIS A 161 15.99 33.87 5.31
C HIS A 161 15.32 32.98 4.27
N VAL A 162 15.94 31.86 3.91
CA VAL A 162 15.38 30.93 2.95
C VAL A 162 14.04 30.43 3.46
N PRO A 163 12.95 30.64 2.71
CA PRO A 163 11.63 30.14 3.13
C PRO A 163 11.61 28.62 3.33
N ASN A 164 10.69 28.19 4.20
CA ASN A 164 10.67 26.80 4.68
C ASN A 164 9.90 25.91 3.70
N LEU A 165 10.45 25.77 2.50
CA LEU A 165 9.96 24.80 1.54
C LEU A 165 11.00 24.60 0.46
N PHE A 166 10.88 23.47 -0.22
CA PHE A 166 11.69 23.17 -1.40
C PHE A 166 10.86 22.32 -2.35
N SER A 167 11.30 22.25 -3.60
CA SER A 167 10.58 21.46 -4.60
C SER A 167 11.57 20.65 -5.41
N LEU A 168 11.11 19.48 -5.86
CA LEU A 168 11.94 18.54 -6.59
C LEU A 168 11.29 18.28 -7.94
N GLN A 169 12.08 18.48 -8.99
CA GLN A 169 11.69 18.10 -10.35
C GLN A 169 12.69 17.02 -10.75
N LEU A 170 12.29 15.76 -10.59
CA LEU A 170 13.15 14.64 -10.97
C LEU A 170 12.79 14.21 -12.39
N CYS A 171 13.76 14.21 -13.28
CA CYS A 171 13.52 13.90 -14.69
C CYS A 171 14.11 12.54 -15.04
N GLY A 172 13.36 11.75 -15.80
CA GLY A 172 13.70 10.37 -15.99
C GLY A 172 14.72 10.14 -17.09
N ALA A 173 14.95 8.86 -17.37
CA ALA A 173 15.96 8.40 -18.31
C ALA A 173 15.51 8.53 -19.75
N SER A 185 23.07 10.63 -17.60
CA SER A 185 21.89 9.78 -17.75
C SER A 185 20.58 10.52 -17.36
N VAL A 186 20.47 11.01 -16.12
CA VAL A 186 19.27 11.74 -15.70
C VAL A 186 19.67 13.08 -15.10
N GLY A 187 18.68 13.98 -15.01
CA GLY A 187 18.86 15.29 -14.43
C GLY A 187 17.61 15.73 -13.68
N GLY A 188 17.66 16.95 -13.17
CA GLY A 188 16.51 17.48 -12.48
C GLY A 188 16.84 18.77 -11.78
N SER A 189 15.89 19.23 -10.97
CA SER A 189 16.02 20.48 -10.24
C SER A 189 15.56 20.29 -8.80
N MET A 190 16.34 20.84 -7.88
CA MET A 190 15.92 21.06 -6.50
C MET A 190 15.86 22.58 -6.31
N ILE A 191 14.65 23.13 -6.27
CA ILE A 191 14.46 24.54 -5.99
C ILE A 191 14.35 24.70 -4.48
N ILE A 192 15.39 25.29 -3.88
CA ILE A 192 15.48 25.48 -2.44
C ILE A 192 14.91 26.85 -2.09
N GLY A 193 13.87 26.86 -1.26
CA GLY A 193 13.22 28.09 -0.82
C GLY A 193 11.99 28.51 -1.59
N GLY A 194 11.53 27.75 -2.58
CA GLY A 194 10.34 28.17 -3.30
C GLY A 194 9.92 27.23 -4.41
N ILE A 195 9.06 27.78 -5.27
CA ILE A 195 8.43 27.09 -6.37
C ILE A 195 8.81 27.83 -7.65
N ASP A 196 9.23 27.10 -8.68
CA ASP A 196 9.61 27.73 -9.95
C ASP A 196 8.56 27.31 -10.99
N HIS A 197 7.80 28.30 -11.44
CA HIS A 197 6.62 28.04 -12.24
C HIS A 197 6.94 27.58 -13.65
N SER A 198 8.19 27.70 -14.08
CA SER A 198 8.56 27.23 -15.40
C SER A 198 8.85 25.74 -15.42
N LEU A 199 8.83 25.08 -14.27
CA LEU A 199 9.09 23.65 -14.19
C LEU A 199 7.83 22.78 -14.25
N TYR A 200 6.64 23.36 -14.29
CA TYR A 200 5.46 22.49 -14.33
C TYR A 200 4.35 23.14 -15.15
N THR A 201 3.38 22.32 -15.56
CA THR A 201 2.16 22.83 -16.21
C THR A 201 0.94 22.47 -15.36
N GLY A 202 -0.12 23.25 -15.55
CA GLY A 202 -1.39 22.94 -14.90
C GLY A 202 -1.42 23.37 -13.45
N SER A 203 -2.36 22.79 -12.72
CA SER A 203 -2.54 23.17 -11.32
C SER A 203 -1.70 22.28 -10.40
N LEU A 204 -1.22 22.89 -9.34
CA LEU A 204 -0.70 22.15 -8.21
C LEU A 204 -1.84 21.59 -7.37
N TRP A 205 -1.72 20.32 -6.97
CA TRP A 205 -2.65 19.68 -6.07
C TRP A 205 -1.93 19.27 -4.80
N TYR A 206 -2.49 19.61 -3.64
CA TYR A 206 -1.79 19.42 -2.37
C TYR A 206 -2.43 18.36 -1.50
N THR A 207 -1.59 17.54 -0.89
CA THR A 207 -2.00 16.58 0.10
C THR A 207 -1.34 16.93 1.44
N PRO A 208 -2.05 16.78 2.55
CA PRO A 208 -1.48 17.13 3.86
C PRO A 208 -0.29 16.24 4.20
N ILE A 209 0.74 16.83 4.81
CA ILE A 209 1.74 16.02 5.50
C ILE A 209 1.10 15.53 6.79
N ARG A 210 0.90 14.22 6.91
CA ARG A 210 0.10 13.70 8.03
C ARG A 210 0.80 13.90 9.37
N ARG A 211 2.11 13.74 9.40
CA ARG A 211 2.90 13.93 10.60
C ARG A 211 4.32 14.23 10.16
N GLU A 212 5.00 15.13 10.87
CA GLU A 212 6.33 15.58 10.47
C GLU A 212 7.41 14.63 11.01
N TRP A 213 7.62 13.53 10.28
CA TRP A 213 8.76 12.67 10.55
C TRP A 213 9.34 12.25 9.19
N TYR A 214 8.82 11.18 8.59
CA TYR A 214 8.92 11.06 7.14
C TYR A 214 8.03 12.14 6.50
N TYR A 215 8.06 12.23 5.18
CA TYR A 215 7.01 12.99 4.48
C TYR A 215 5.83 12.05 4.30
N GLU A 216 5.03 11.93 5.36
CA GLU A 216 3.95 10.96 5.41
C GLU A 216 2.68 11.54 4.81
N VAL A 217 2.04 10.78 3.92
CA VAL A 217 0.79 11.15 3.26
C VAL A 217 -0.20 9.99 3.40
N ILE A 218 -1.45 10.24 3.01
CA ILE A 218 -2.51 9.23 3.07
C ILE A 218 -3.04 8.99 1.65
N ILE A 219 -2.88 7.76 1.17
CA ILE A 219 -3.46 7.30 -0.09
C ILE A 219 -4.87 6.81 0.18
N VAL A 220 -5.85 7.29 -0.58
CA VAL A 220 -7.25 7.00 -0.27
C VAL A 220 -7.93 6.09 -1.28
N ARG A 221 -7.31 5.82 -2.42
CA ARG A 221 -7.91 4.97 -3.45
C ARG A 221 -6.81 4.61 -4.45
N VAL A 222 -6.92 3.40 -5.00
CA VAL A 222 -5.97 2.97 -6.02
C VAL A 222 -6.74 2.39 -7.19
N GLU A 223 -6.40 2.84 -8.39
CA GLU A 223 -7.00 2.31 -9.61
C GLU A 223 -5.91 1.89 -10.56
N ILE A 224 -6.16 0.79 -11.26
CA ILE A 224 -5.28 0.29 -12.31
C ILE A 224 -6.13 0.20 -13.59
N ASN A 225 -5.72 0.94 -14.63
CA ASN A 225 -6.47 1.07 -15.87
C ASN A 225 -7.94 1.44 -15.62
N GLY A 226 -8.18 2.26 -14.59
CA GLY A 226 -9.52 2.72 -14.29
C GLY A 226 -10.36 1.81 -13.42
N GLN A 227 -9.82 0.66 -13.00
CA GLN A 227 -10.51 -0.28 -12.13
C GLN A 227 -9.99 -0.12 -10.71
N ASP A 228 -10.92 0.05 -9.78
CA ASP A 228 -10.56 0.24 -8.39
C ASP A 228 -10.06 -1.10 -7.84
N LEU A 229 -8.94 -1.07 -7.11
CA LEU A 229 -8.41 -2.29 -6.49
C LEU A 229 -9.35 -2.82 -5.42
N LYS A 230 -10.31 -2.01 -4.97
CA LYS A 230 -11.35 -2.45 -4.02
C LYS A 230 -10.74 -3.15 -2.80
N MET A 231 -9.72 -2.53 -2.22
CA MET A 231 -9.21 -2.90 -0.90
C MET A 231 -9.61 -1.83 0.10
N ASP A 232 -9.67 -2.21 1.37
CA ASP A 232 -9.83 -1.20 2.42
C ASP A 232 -8.63 -0.27 2.36
N CYS A 233 -8.91 1.03 2.27
CA CYS A 233 -7.85 1.98 1.98
C CYS A 233 -6.79 2.00 3.07
N LYS A 234 -7.08 1.44 4.25
CA LYS A 234 -6.05 1.29 5.28
C LYS A 234 -4.87 0.47 4.79
N GLU A 235 -5.14 -0.53 3.93
CA GLU A 235 -4.07 -1.37 3.39
C GLU A 235 -3.05 -0.56 2.62
N TYR A 236 -3.50 0.52 1.95
CA TYR A 236 -2.60 1.35 1.16
C TYR A 236 -1.59 2.05 2.05
N ASN A 237 -1.93 2.30 3.32
CA ASN A 237 -1.05 3.05 4.20
C ASN A 237 -0.68 2.24 5.44
N TYR A 238 -0.59 0.93 5.28
CA TYR A 238 -0.17 0.03 6.34
C TYR A 238 1.32 -0.26 6.14
N ASP A 239 2.17 0.24 7.04
CA ASP A 239 1.80 1.01 8.24
C ASP A 239 2.00 2.53 8.08
N LYS A 240 2.45 2.96 6.91
CA LYS A 240 2.59 4.37 6.58
C LYS A 240 2.75 4.48 5.08
N SER A 241 2.59 5.70 4.57
CA SER A 241 2.92 6.04 3.18
C SER A 241 3.81 7.26 3.19
N ILE A 242 4.95 7.17 2.50
CA ILE A 242 5.91 8.27 2.51
C ILE A 242 6.29 8.62 1.08
N VAL A 243 6.71 9.86 0.87
CA VAL A 243 7.28 10.32 -0.38
C VAL A 243 8.80 10.34 -0.21
N ASP A 244 9.52 9.56 -1.02
CA ASP A 244 10.91 9.24 -0.69
C ASP A 244 11.74 9.30 -1.98
N SER A 245 12.43 10.43 -2.19
CA SER A 245 13.28 10.52 -3.37
C SER A 245 14.52 9.63 -3.29
N GLY A 246 14.82 9.10 -2.10
CA GLY A 246 15.95 8.23 -1.92
C GLY A 246 15.70 6.77 -2.20
N THR A 247 14.45 6.39 -2.52
CA THR A 247 14.13 5.03 -2.90
C THR A 247 13.73 5.00 -4.37
N THR A 248 14.25 4.02 -5.11
CA THR A 248 14.02 4.00 -6.56
C THR A 248 12.56 3.67 -6.88
N ASN A 249 12.07 2.55 -6.33
CA ASN A 249 10.82 1.92 -6.74
C ASN A 249 9.60 2.56 -6.07
N LEU A 250 8.43 2.25 -6.64
CA LEU A 250 7.18 2.26 -5.91
C LEU A 250 7.15 0.96 -5.09
N ARG A 251 7.18 1.07 -3.77
CA ARG A 251 7.14 -0.09 -2.89
C ARG A 251 5.77 -0.12 -2.21
N LEU A 252 5.14 -1.30 -2.21
CA LEU A 252 3.78 -1.47 -1.75
C LEU A 252 3.69 -2.52 -0.64
N PRO A 253 2.82 -2.33 0.35
CA PRO A 253 2.58 -3.38 1.35
C PRO A 253 2.15 -4.67 0.68
N LYS A 254 2.48 -5.79 1.35
CA LYS A 254 2.32 -7.12 0.78
C LYS A 254 0.98 -7.29 0.07
N LYS A 255 -0.13 -7.07 0.79
CA LYS A 255 -1.43 -7.36 0.18
C LYS A 255 -1.69 -6.47 -1.02
N VAL A 256 -1.25 -5.21 -0.96
CA VAL A 256 -1.44 -4.27 -2.05
C VAL A 256 -0.56 -4.63 -3.23
N PHE A 257 0.70 -4.98 -2.97
CA PHE A 257 1.61 -5.41 -4.03
C PHE A 257 1.05 -6.61 -4.78
N GLU A 258 0.56 -7.61 -4.05
CA GLU A 258 0.00 -8.80 -4.71
C GLU A 258 -1.18 -8.43 -5.58
N ALA A 259 -2.08 -7.58 -5.07
CA ALA A 259 -3.23 -7.16 -5.87
C ALA A 259 -2.79 -6.42 -7.13
N ALA A 260 -1.79 -5.54 -7.01
CA ALA A 260 -1.38 -4.76 -8.17
C ALA A 260 -0.63 -5.61 -9.18
N VAL A 261 0.20 -6.54 -8.71
CA VAL A 261 0.92 -7.41 -9.65
C VAL A 261 -0.06 -8.32 -10.38
N LYS A 262 -1.09 -8.80 -9.68
CA LYS A 262 -2.10 -9.62 -10.35
C LYS A 262 -2.83 -8.83 -11.41
N SER A 263 -3.12 -7.56 -11.13
CA SER A 263 -3.86 -6.75 -12.09
C SER A 263 -2.97 -6.37 -13.28
N ILE A 264 -1.69 -6.11 -13.04
CA ILE A 264 -0.76 -5.76 -14.11
C ILE A 264 -0.43 -6.98 -14.96
N LYS A 265 -0.28 -8.15 -14.32
CA LYS A 265 -0.10 -9.38 -15.09
C LYS A 265 -1.24 -9.59 -16.07
N ALA A 266 -2.47 -9.57 -15.57
CA ALA A 266 -3.63 -9.80 -16.42
C ALA A 266 -3.71 -8.80 -17.56
N ALA A 267 -3.41 -7.52 -17.29
CA ALA A 267 -3.46 -6.53 -18.37
C ALA A 267 -2.39 -6.76 -19.42
N SER A 268 -1.28 -7.42 -19.06
CA SER A 268 -0.19 -7.63 -19.99
C SER A 268 -0.06 -9.10 -20.41
N SER A 269 -1.05 -9.94 -20.10
CA SER A 269 -0.95 -11.38 -20.36
C SER A 269 -0.84 -11.72 -21.85
N THR A 270 -1.06 -10.76 -22.75
CA THR A 270 -0.75 -10.98 -24.16
C THR A 270 0.68 -11.50 -24.32
N GLU A 271 1.62 -11.01 -23.52
CA GLU A 271 2.96 -11.56 -23.41
C GLU A 271 3.15 -12.11 -22.00
N LYS A 272 3.98 -13.14 -21.85
CA LYS A 272 4.30 -13.62 -20.52
C LYS A 272 5.79 -13.47 -20.23
N PHE A 273 6.06 -13.28 -18.94
CA PHE A 273 7.35 -12.91 -18.40
C PHE A 273 7.73 -13.88 -17.29
N PRO A 274 9.02 -14.08 -17.06
CA PRO A 274 9.45 -14.90 -15.92
C PRO A 274 8.92 -14.31 -14.61
N ASP A 275 8.64 -15.18 -13.64
CA ASP A 275 8.25 -14.67 -12.32
C ASP A 275 9.37 -13.89 -11.67
N GLY A 276 10.62 -14.10 -12.11
CA GLY A 276 11.73 -13.29 -11.61
C GLY A 276 11.67 -11.85 -12.09
N PHE A 277 11.02 -11.60 -13.24
CA PHE A 277 10.81 -10.24 -13.68
C PHE A 277 9.89 -9.48 -12.73
N TRP A 278 8.77 -10.11 -12.33
CA TRP A 278 7.81 -9.51 -11.43
C TRP A 278 8.35 -9.31 -10.02
N LEU A 279 9.51 -9.87 -9.72
CA LEU A 279 10.17 -9.69 -8.42
C LEU A 279 11.35 -8.73 -8.52
N GLY A 280 11.56 -8.10 -9.67
CA GLY A 280 12.63 -7.14 -9.83
C GLY A 280 14.00 -7.74 -10.03
N GLU A 281 14.10 -9.04 -10.24
CA GLU A 281 15.38 -9.73 -10.36
C GLU A 281 15.90 -9.81 -11.79
N GLN A 282 15.03 -10.13 -12.75
CA GLN A 282 15.43 -10.31 -14.13
C GLN A 282 14.89 -9.20 -15.00
N LEU A 283 15.63 -8.88 -16.06
CA LEU A 283 15.15 -7.89 -17.01
C LEU A 283 14.14 -8.51 -17.97
N VAL A 284 13.52 -7.62 -18.72
CA VAL A 284 12.75 -7.99 -19.90
C VAL A 284 13.25 -7.10 -21.03
N CYS A 285 13.46 -7.69 -22.21
CA CYS A 285 13.94 -6.93 -23.34
C CYS A 285 13.06 -7.12 -24.56
N TRP A 286 13.05 -6.11 -25.42
CA TRP A 286 12.35 -6.13 -26.69
C TRP A 286 13.24 -5.47 -27.73
N GLN A 287 13.03 -5.84 -28.99
CA GLN A 287 13.68 -5.19 -30.11
C GLN A 287 13.55 -3.67 -29.99
N ALA A 288 14.69 -2.98 -30.08
CA ALA A 288 14.76 -1.54 -29.90
C ALA A 288 13.58 -0.83 -30.57
N GLY A 289 12.91 0.02 -29.81
CA GLY A 289 11.80 0.76 -30.34
C GLY A 289 10.50 0.01 -30.47
N THR A 290 10.42 -1.23 -29.99
CA THR A 290 9.20 -2.03 -30.10
C THR A 290 8.59 -2.38 -28.75
N THR A 291 9.03 -1.76 -27.66
CA THR A 291 8.44 -2.00 -26.36
C THR A 291 6.91 -1.85 -26.43
N PRO A 292 6.15 -2.85 -26.00
CA PRO A 292 4.68 -2.82 -26.10
C PRO A 292 4.03 -2.03 -24.95
N TRP A 293 4.27 -0.73 -24.92
CA TRP A 293 3.80 0.11 -23.82
C TRP A 293 2.30 -0.03 -23.57
N ASN A 294 1.51 -0.21 -24.64
CA ASN A 294 0.06 -0.20 -24.52
C ASN A 294 -0.51 -1.38 -23.72
N ILE A 295 0.27 -2.45 -23.49
CA ILE A 295 -0.25 -3.59 -22.75
C ILE A 295 0.00 -3.47 -21.24
N PHE A 296 0.72 -2.44 -20.81
CA PHE A 296 0.90 -2.20 -19.39
C PHE A 296 -0.07 -1.12 -18.92
N PRO A 297 -0.77 -1.32 -17.81
CA PRO A 297 -1.79 -0.36 -17.40
C PRO A 297 -1.18 0.90 -16.79
N VAL A 298 -2.01 1.94 -16.67
CA VAL A 298 -1.69 3.12 -15.88
C VAL A 298 -2.17 2.87 -14.44
N ILE A 299 -1.43 3.44 -13.48
CA ILE A 299 -1.77 3.34 -12.08
C ILE A 299 -2.16 4.70 -11.54
N SER A 300 -3.33 4.80 -10.94
CA SER A 300 -3.81 6.05 -10.37
C SER A 300 -3.80 5.94 -8.84
N LEU A 301 -3.01 6.79 -8.21
CA LEU A 301 -2.97 6.95 -6.75
C LEU A 301 -3.78 8.18 -6.37
N TYR A 302 -4.84 8.00 -5.58
CA TYR A 302 -5.61 9.12 -5.05
C TYR A 302 -5.06 9.49 -3.69
N LEU A 303 -4.80 10.78 -3.48
CA LEU A 303 -4.24 11.34 -2.27
C LEU A 303 -5.26 12.21 -1.55
N MET A 304 -5.20 12.21 -0.23
CA MET A 304 -6.06 13.09 0.57
C MET A 304 -5.84 14.54 0.14
N GLY A 305 -6.94 15.27 -0.04
CA GLY A 305 -6.89 16.67 -0.41
C GLY A 305 -6.85 17.62 0.77
N GLU A 306 -7.01 18.91 0.45
CA GLU A 306 -6.99 19.99 1.44
C GLU A 306 -8.35 20.34 2.02
N VAL A 307 -9.46 19.98 1.37
CA VAL A 307 -10.78 20.30 1.92
C VAL A 307 -11.55 19.01 2.21
N THR A 308 -12.61 19.16 3.01
CA THR A 308 -13.36 18.02 3.51
C THR A 308 -13.84 17.15 2.35
N ASN A 309 -13.64 15.84 2.49
CA ASN A 309 -14.14 14.86 1.54
C ASN A 309 -13.58 15.07 0.13
N GLN A 310 -12.43 15.74 -0.03
CA GLN A 310 -11.87 15.97 -1.35
C GLN A 310 -10.50 15.32 -1.46
N SER A 311 -10.27 14.66 -2.58
CA SER A 311 -9.01 14.03 -2.95
C SER A 311 -8.61 14.49 -4.36
N PHE A 312 -7.46 14.01 -4.80
CA PHE A 312 -7.01 14.21 -6.17
C PHE A 312 -6.22 12.97 -6.54
N ARG A 313 -5.95 12.77 -7.83
CA ARG A 313 -5.15 11.62 -8.22
C ARG A 313 -3.93 12.03 -9.03
N ILE A 314 -2.89 11.22 -8.92
CA ILE A 314 -1.76 11.23 -9.85
C ILE A 314 -1.78 9.91 -10.60
N THR A 315 -1.55 9.99 -11.90
CA THR A 315 -1.61 8.82 -12.77
C THR A 315 -0.21 8.51 -13.27
N ILE A 316 0.19 7.26 -13.13
CA ILE A 316 1.55 6.78 -13.39
C ILE A 316 1.51 5.96 -14.68
N LEU A 317 2.41 6.26 -15.62
CA LEU A 317 2.50 5.47 -16.84
C LEU A 317 3.49 4.33 -16.66
N PRO A 318 3.38 3.26 -17.45
CA PRO A 318 4.39 2.18 -17.39
C PRO A 318 5.80 2.66 -17.67
N GLN A 319 5.97 3.72 -18.46
CA GLN A 319 7.29 4.30 -18.66
C GLN A 319 7.93 4.77 -17.35
N GLN A 320 7.16 4.87 -16.27
CA GLN A 320 7.70 5.19 -14.96
C GLN A 320 8.05 3.92 -14.19
N TYR A 321 7.15 2.93 -14.18
CA TYR A 321 7.44 1.76 -13.36
C TYR A 321 8.12 0.63 -14.13
N LEU A 322 8.45 0.83 -15.41
CA LEU A 322 9.40 -0.04 -16.10
C LEU A 322 10.66 0.77 -16.30
N ARG A 323 11.63 0.55 -15.42
CA ARG A 323 12.83 1.36 -15.38
C ARG A 323 13.83 0.84 -16.42
N PRO A 324 14.34 1.71 -17.30
CA PRO A 324 15.28 1.25 -18.33
C PRO A 324 16.65 0.96 -17.73
N VAL A 325 17.27 -0.13 -18.22
CA VAL A 325 18.53 -0.64 -17.71
C VAL A 325 19.43 -1.04 -18.87
N GLU A 326 20.72 -1.10 -18.55
CA GLU A 326 21.72 -1.45 -19.55
C GLU A 326 21.48 -2.84 -20.09
N ASP A 327 21.77 -2.97 -21.37
CA ASP A 327 21.72 -4.18 -22.16
C ASP A 327 22.64 -5.28 -21.59
N VAL A 328 22.04 -6.43 -21.26
CA VAL A 328 22.83 -7.55 -20.72
C VAL A 328 23.32 -8.50 -21.78
N ALA A 329 23.04 -8.23 -23.05
CA ALA A 329 23.45 -9.04 -24.18
C ALA A 329 24.26 -8.19 -25.16
N THR A 330 24.68 -8.82 -26.26
CA THR A 330 25.37 -8.17 -27.37
C THR A 330 24.41 -7.48 -28.32
N SER A 331 23.19 -7.20 -27.87
CA SER A 331 22.15 -6.62 -28.71
C SER A 331 21.98 -5.15 -28.40
N GLN A 332 21.28 -4.46 -29.29
CA GLN A 332 20.78 -3.14 -28.95
C GLN A 332 19.26 -3.23 -28.79
N ASP A 333 18.80 -3.98 -27.81
CA ASP A 333 17.41 -4.03 -27.43
C ASP A 333 17.12 -3.00 -26.34
N ASP A 334 15.84 -2.79 -26.08
CA ASP A 334 15.40 -1.97 -24.96
C ASP A 334 15.07 -2.91 -23.81
N CYS A 335 15.74 -2.72 -22.67
CA CYS A 335 15.60 -3.60 -21.51
C CYS A 335 15.14 -2.81 -20.29
N TYR A 336 14.32 -3.47 -19.46
CA TYR A 336 13.64 -2.81 -18.35
C TYR A 336 13.60 -3.72 -17.13
N LYS A 337 13.58 -3.09 -15.95
CA LYS A 337 13.33 -3.75 -14.69
C LYS A 337 11.96 -3.32 -14.17
N PHE A 338 11.22 -4.26 -13.61
CA PHE A 338 9.97 -3.94 -12.96
C PHE A 338 10.28 -3.17 -11.69
N ALA A 339 9.80 -1.91 -11.62
CA ALA A 339 10.16 -0.98 -10.57
C ALA A 339 9.05 -0.81 -9.54
N ILE A 340 8.22 -1.83 -9.38
CA ILE A 340 7.27 -1.95 -8.28
C ILE A 340 7.68 -3.18 -7.49
N SER A 341 7.79 -3.05 -6.16
CA SER A 341 8.25 -4.17 -5.35
C SER A 341 7.56 -4.13 -3.99
N GLN A 342 7.77 -5.19 -3.23
CA GLN A 342 7.06 -5.42 -1.99
C GLN A 342 7.76 -4.72 -0.83
N SER A 343 6.97 -4.36 0.18
CA SER A 343 7.43 -3.66 1.37
C SER A 343 6.79 -4.27 2.61
N SER A 344 7.53 -4.23 3.71
CA SER A 344 6.99 -4.57 5.02
C SER A 344 6.94 -3.36 5.94
N THR A 345 7.19 -2.14 5.40
CA THR A 345 7.25 -0.93 6.20
C THR A 345 6.39 0.18 5.60
N GLY A 346 5.35 -0.20 4.87
CA GLY A 346 4.41 0.74 4.28
C GLY A 346 4.70 1.03 2.81
N THR A 347 3.87 1.91 2.25
CA THR A 347 4.03 2.36 0.88
C THR A 347 5.16 3.38 0.77
N VAL A 348 5.99 3.21 -0.25
CA VAL A 348 7.05 4.17 -0.57
C VAL A 348 6.81 4.66 -1.97
N MET A 349 6.47 5.95 -2.08
CA MET A 349 6.38 6.63 -3.37
C MET A 349 7.79 7.08 -3.72
N GLY A 350 8.51 6.20 -4.43
CA GLY A 350 9.91 6.40 -4.76
C GLY A 350 10.14 7.33 -5.94
N ALA A 351 11.42 7.40 -6.34
CA ALA A 351 11.84 8.34 -7.40
C ALA A 351 11.14 8.06 -8.72
N VAL A 352 10.83 6.78 -8.97
CA VAL A 352 10.16 6.39 -10.20
C VAL A 352 8.74 6.97 -10.27
N ILE A 353 8.10 7.18 -9.12
CA ILE A 353 6.79 7.82 -9.07
C ILE A 353 6.94 9.33 -9.20
N MET A 354 7.98 9.89 -8.58
CA MET A 354 8.17 11.33 -8.60
C MET A 354 8.62 11.84 -9.96
N GLU A 355 9.20 10.98 -10.81
CA GLU A 355 9.79 11.46 -12.06
C GLU A 355 8.77 12.14 -12.99
N GLY A 356 7.54 11.63 -13.05
CA GLY A 356 6.56 12.37 -13.85
C GLY A 356 6.30 13.81 -13.41
N PHE A 357 6.57 14.16 -12.16
CA PHE A 357 5.89 15.29 -11.56
C PHE A 357 6.85 16.32 -10.95
N TYR A 358 6.30 17.50 -10.77
CA TYR A 358 6.90 18.53 -9.93
C TYR A 358 6.32 18.38 -8.53
N VAL A 359 7.17 18.12 -7.55
CA VAL A 359 6.72 17.79 -6.20
C VAL A 359 7.19 18.87 -5.25
N VAL A 360 6.23 19.53 -4.59
CA VAL A 360 6.54 20.66 -3.72
C VAL A 360 6.43 20.20 -2.27
N PHE A 361 7.54 20.26 -1.54
CA PHE A 361 7.56 19.89 -0.13
C PHE A 361 7.33 21.18 0.67
N ASP A 362 6.06 21.54 0.82
CA ASP A 362 5.70 22.80 1.47
C ASP A 362 5.64 22.56 2.96
N ARG A 363 6.83 22.54 3.57
CA ARG A 363 6.95 22.32 5.01
C ARG A 363 6.22 23.40 5.81
N ALA A 364 6.29 24.66 5.37
CA ALA A 364 5.66 25.75 6.11
C ALA A 364 4.17 25.51 6.28
N ARG A 365 3.52 24.92 5.29
CA ARG A 365 2.08 24.73 5.35
C ARG A 365 1.69 23.27 5.52
N LYS A 366 2.64 22.42 5.93
CA LYS A 366 2.42 21.00 6.23
C LYS A 366 1.68 20.30 5.08
N ARG A 367 2.22 20.44 3.88
CA ARG A 367 1.58 19.86 2.72
C ARG A 367 2.60 19.58 1.62
N ILE A 368 2.23 18.63 0.76
CA ILE A 368 3.04 18.25 -0.39
C ILE A 368 2.20 18.49 -1.65
N GLY A 369 2.79 19.19 -2.62
CA GLY A 369 2.12 19.52 -3.86
C GLY A 369 2.59 18.69 -5.03
N PHE A 370 1.67 18.37 -5.93
CA PHE A 370 1.96 17.61 -7.14
C PHE A 370 1.45 18.37 -8.36
N ALA A 371 2.28 18.43 -9.40
CA ALA A 371 1.83 18.93 -10.70
C ALA A 371 2.59 18.18 -11.78
N VAL A 372 2.03 18.21 -12.99
CA VAL A 372 2.72 17.62 -14.12
C VAL A 372 4.02 18.38 -14.38
N SER A 373 5.11 17.64 -14.51
CA SER A 373 6.41 18.25 -14.69
C SER A 373 6.63 18.71 -16.14
N ALA A 374 7.45 19.75 -16.30
CA ALA A 374 7.88 20.15 -17.64
C ALA A 374 8.63 19.02 -18.35
N CYS A 375 9.27 18.13 -17.60
CA CYS A 375 9.95 16.96 -18.16
C CYS A 375 9.12 15.71 -17.94
N HIS A 376 7.87 15.80 -18.34
CA HIS A 376 6.92 14.71 -18.14
C HIS A 376 7.20 13.58 -19.13
N VAL A 377 6.57 12.44 -18.84
CA VAL A 377 6.77 11.21 -19.59
C VAL A 377 5.87 11.22 -20.81
N HIS A 378 6.37 10.69 -21.93
CA HIS A 378 5.63 10.76 -23.19
C HIS A 378 5.30 9.36 -23.67
N ASP A 379 4.09 8.93 -23.37
CA ASP A 379 3.42 7.87 -24.11
C ASP A 379 2.74 8.58 -25.29
N GLU A 380 2.25 7.82 -26.26
CA GLU A 380 1.73 8.49 -27.44
C GLU A 380 0.22 8.59 -27.46
N PHE A 381 -0.47 7.76 -26.69
CA PHE A 381 -1.91 7.88 -26.57
C PHE A 381 -2.33 8.12 -25.13
N ARG A 382 -1.40 8.17 -24.18
CA ARG A 382 -1.68 8.33 -22.76
C ARG A 382 -0.73 9.36 -22.17
N THR A 383 -1.16 9.96 -21.05
CA THR A 383 -0.31 10.96 -20.40
C THR A 383 -0.42 10.91 -18.89
N ALA A 384 0.73 11.00 -18.23
CA ALA A 384 0.74 11.21 -16.79
C ALA A 384 -0.06 12.47 -16.47
N ALA A 385 -0.75 12.46 -15.33
CA ALA A 385 -1.64 13.57 -15.03
C ALA A 385 -1.78 13.74 -13.52
N VAL A 386 -2.21 14.93 -13.13
CA VAL A 386 -2.59 15.28 -11.77
C VAL A 386 -3.97 15.93 -11.90
N GLU A 387 -5.00 15.25 -11.39
CA GLU A 387 -6.37 15.66 -11.68
C GLU A 387 -7.21 15.72 -10.42
N GLY A 388 -8.08 16.74 -10.37
CA GLY A 388 -9.02 16.89 -9.30
C GLY A 388 -10.07 17.94 -9.65
N PRO A 389 -11.02 18.19 -8.73
CA PRO A 389 -11.16 17.48 -7.46
C PRO A 389 -11.91 16.16 -7.61
N PHE A 390 -11.74 15.24 -6.66
CA PHE A 390 -12.59 14.07 -6.54
C PHE A 390 -13.25 14.11 -5.16
N VAL A 391 -14.41 13.49 -5.04
CA VAL A 391 -15.05 13.35 -3.74
C VAL A 391 -14.72 11.97 -3.19
N THR A 392 -14.26 11.93 -1.94
CA THR A 392 -13.93 10.68 -1.27
C THR A 392 -14.43 10.78 0.17
N LEU A 393 -15.36 9.92 0.54
CA LEU A 393 -15.86 9.97 1.91
C LEU A 393 -14.95 9.21 2.87
N ASP A 394 -14.98 9.62 4.15
CA ASP A 394 -14.28 8.94 5.23
C ASP A 394 -12.79 8.76 4.96
N MET A 395 -12.15 9.82 4.46
CA MET A 395 -10.74 9.74 4.11
C MET A 395 -9.87 9.48 5.34
N GLU A 396 -10.28 10.00 6.50
CA GLU A 396 -9.48 9.86 7.70
C GLU A 396 -9.43 8.41 8.19
N ASP A 397 -10.39 7.56 7.79
CA ASP A 397 -10.31 6.13 8.09
C ASP A 397 -9.19 5.44 7.32
N CYS A 398 -8.57 6.09 6.34
CA CYS A 398 -7.55 5.41 5.55
C CYS A 398 -6.21 5.44 6.23
N GLY A 399 -6.02 6.32 7.21
CA GLY A 399 -4.78 6.37 7.93
C GLY A 399 -4.69 5.20 8.91
N TYR A 400 -3.50 4.62 8.99
CA TYR A 400 -3.26 3.50 9.87
C TYR A 400 -2.84 4.00 11.24
N ASN A 401 -3.30 3.31 12.28
CA ASN A 401 -3.00 3.64 13.67
C ASN A 401 -2.52 2.44 14.48
N SER B 14 35.22 -3.48 10.68
CA SER B 14 34.20 -4.19 9.90
C SER B 14 32.98 -4.57 10.75
N PHE B 15 32.82 -3.88 11.89
CA PHE B 15 31.71 -4.17 12.78
C PHE B 15 30.39 -3.58 12.29
N VAL B 16 30.44 -2.63 11.36
CA VAL B 16 29.22 -2.02 10.83
C VAL B 16 28.29 -3.07 10.24
N GLU B 17 28.84 -4.20 9.75
CA GLU B 17 27.94 -5.24 9.22
C GLU B 17 27.11 -5.90 10.30
N MET B 18 27.43 -5.67 11.57
CA MET B 18 26.71 -6.29 12.66
C MET B 18 25.81 -5.29 13.38
N VAL B 19 25.94 -4.00 13.11
CA VAL B 19 25.05 -3.01 13.69
C VAL B 19 23.60 -3.31 13.30
N ASP B 20 22.71 -3.23 14.29
CA ASP B 20 21.27 -3.37 14.07
C ASP B 20 20.91 -4.79 13.64
N ASN B 21 21.66 -5.81 14.08
CA ASN B 21 21.36 -7.19 13.73
C ASN B 21 20.45 -7.90 14.74
N LEU B 22 19.90 -7.19 15.71
CA LEU B 22 18.97 -7.78 16.67
C LEU B 22 17.58 -7.18 16.52
N ARG B 23 16.57 -8.03 16.72
CA ARG B 23 15.17 -7.64 16.70
C ARG B 23 14.47 -8.27 17.90
N GLY B 24 13.26 -7.80 18.19
CA GLY B 24 12.48 -8.40 19.25
C GLY B 24 11.13 -7.73 19.42
N LYS B 25 10.31 -8.35 20.27
CA LYS B 25 9.11 -7.73 20.83
C LYS B 25 9.38 -7.44 22.30
N SER B 26 8.82 -6.34 22.81
CA SER B 26 9.00 -5.94 24.21
C SER B 26 8.71 -7.08 25.18
N GLY B 27 9.70 -7.37 26.05
CA GLY B 27 9.56 -8.42 27.04
C GLY B 27 9.54 -9.84 26.52
N GLN B 28 9.81 -10.04 25.23
CA GLN B 28 9.86 -11.38 24.66
C GLN B 28 11.24 -11.74 24.13
N GLY B 29 12.26 -10.94 24.44
CA GLY B 29 13.64 -11.28 24.15
C GLY B 29 14.16 -10.66 22.85
N TYR B 30 15.48 -10.52 22.77
CA TYR B 30 16.16 -10.08 21.56
C TYR B 30 16.71 -11.29 20.82
N TYR B 31 16.53 -11.31 19.49
CA TYR B 31 17.01 -12.45 18.72
C TYR B 31 17.88 -12.02 17.54
N VAL B 32 18.75 -12.91 17.15
CA VAL B 32 19.61 -12.74 15.98
C VAL B 32 19.30 -13.88 15.01
N GLU B 33 19.42 -13.59 13.73
CA GLU B 33 19.18 -14.59 12.69
C GLU B 33 20.41 -15.47 12.53
N MET B 34 20.17 -16.78 12.45
CA MET B 34 21.23 -17.77 12.24
C MET B 34 20.79 -18.76 11.17
N THR B 35 21.75 -19.48 10.63
CA THR B 35 21.47 -20.63 9.78
C THR B 35 22.16 -21.86 10.36
N VAL B 36 21.48 -23.01 10.27
CA VAL B 36 22.02 -24.30 10.69
C VAL B 36 21.80 -25.31 9.57
N GLY B 37 22.78 -26.18 9.35
CA GLY B 37 22.64 -27.30 8.45
C GLY B 37 23.09 -27.01 7.02
N SER B 38 23.13 -28.07 6.21
CA SER B 38 23.47 -27.96 4.79
C SER B 38 22.35 -28.64 4.02
N PRO B 39 21.60 -27.92 3.17
CA PRO B 39 21.69 -26.47 2.93
C PRO B 39 21.19 -25.64 4.12
N PRO B 40 21.64 -24.39 4.23
CA PRO B 40 21.37 -23.59 5.43
C PRO B 40 19.87 -23.47 5.69
N GLN B 41 19.47 -23.76 6.92
CA GLN B 41 18.10 -23.52 7.37
C GLN B 41 18.10 -22.29 8.26
N THR B 42 17.21 -21.36 7.97
CA THR B 42 17.22 -20.05 8.61
C THR B 42 16.31 -20.06 9.84
N LEU B 43 16.84 -19.58 10.97
CA LEU B 43 16.11 -19.51 12.23
C LEU B 43 16.49 -18.23 12.95
N ASN B 44 15.52 -17.68 13.69
CA ASN B 44 15.77 -16.57 14.61
C ASN B 44 16.08 -17.09 16.01
N ILE B 45 17.20 -16.66 16.57
CA ILE B 45 17.76 -17.26 17.79
C ILE B 45 17.87 -16.20 18.90
N LEU B 46 17.21 -16.47 20.03
CA LEU B 46 17.30 -15.58 21.18
C LEU B 46 18.74 -15.51 21.70
N VAL B 47 19.24 -14.29 21.93
CA VAL B 47 20.59 -14.12 22.45
C VAL B 47 20.51 -14.03 23.98
N ASP B 48 21.17 -14.95 24.65
CA ASP B 48 20.97 -15.17 26.09
C ASP B 48 22.33 -15.32 26.78
N THR B 49 22.77 -14.24 27.43
CA THR B 49 23.97 -14.34 28.25
C THR B 49 23.71 -15.04 29.57
N GLY B 50 22.46 -15.45 29.84
CA GLY B 50 22.15 -16.10 31.08
C GLY B 50 22.18 -17.62 31.06
N SER B 51 22.63 -18.25 29.97
CA SER B 51 22.70 -19.70 29.92
C SER B 51 23.76 -20.07 28.91
N SER B 52 23.93 -21.37 28.66
CA SER B 52 25.07 -21.80 27.86
C SER B 52 24.76 -22.88 26.84
N ASN B 53 23.49 -23.16 26.55
CA ASN B 53 23.14 -24.16 25.56
C ASN B 53 22.63 -23.48 24.29
N PHE B 54 23.12 -23.93 23.15
CA PHE B 54 22.54 -23.58 21.87
C PHE B 54 21.48 -24.62 21.55
N ALA B 55 20.22 -24.18 21.42
CA ALA B 55 19.10 -25.10 21.28
C ALA B 55 18.06 -24.53 20.32
N VAL B 56 17.43 -25.39 19.53
CA VAL B 56 16.43 -24.93 18.56
C VAL B 56 15.24 -25.90 18.53
N GLY B 57 14.06 -25.32 18.33
CA GLY B 57 12.89 -26.12 18.04
C GLY B 57 13.22 -27.06 16.90
N ALA B 58 12.92 -28.35 17.06
CA ALA B 58 13.26 -29.34 16.04
C ALA B 58 12.08 -30.25 15.75
N ALA B 59 10.88 -29.81 16.12
CA ALA B 59 9.65 -30.59 16.00
C ALA B 59 8.52 -29.59 16.03
N PRO B 60 7.38 -29.91 15.41
CA PRO B 60 6.27 -28.95 15.38
C PRO B 60 5.85 -28.53 16.78
N HIS B 61 5.40 -27.27 16.86
CA HIS B 61 4.92 -26.68 18.08
C HIS B 61 3.93 -25.58 17.70
N PRO B 62 2.85 -25.39 18.46
CA PRO B 62 1.85 -24.35 18.10
C PRO B 62 2.43 -22.95 17.96
N PHE B 63 3.50 -22.61 18.68
CA PHE B 63 4.05 -21.26 18.64
C PHE B 63 5.22 -21.13 17.68
N LEU B 64 5.67 -22.23 17.09
CA LEU B 64 6.78 -22.25 16.16
C LEU B 64 6.26 -22.09 14.74
N HIS B 65 6.82 -21.11 14.02
CA HIS B 65 6.46 -20.98 12.60
C HIS B 65 7.41 -21.75 11.71
N ARG B 66 8.56 -22.16 12.23
CA ARG B 66 9.46 -23.04 11.52
C ARG B 66 10.31 -23.78 12.56
N TYR B 67 11.07 -24.77 12.11
CA TYR B 67 11.96 -25.47 13.02
C TYR B 67 13.10 -26.16 12.27
N TYR B 68 14.08 -26.61 13.05
CA TYR B 68 15.24 -27.30 12.52
C TYR B 68 14.83 -28.70 12.07
N GLN B 69 15.15 -29.05 10.82
CA GLN B 69 14.84 -30.37 10.26
C GLN B 69 16.16 -31.10 10.01
N ARG B 70 16.57 -31.91 11.00
CA ARG B 70 17.86 -32.59 10.92
C ARG B 70 17.95 -33.49 9.69
N GLN B 71 16.82 -34.13 9.32
CA GLN B 71 16.82 -35.09 8.21
C GLN B 71 17.24 -34.44 6.90
N LEU B 72 17.01 -33.12 6.74
CA LEU B 72 17.35 -32.40 5.51
C LEU B 72 18.76 -31.82 5.51
N SER B 73 19.57 -32.08 6.54
CA SER B 73 20.90 -31.52 6.63
C SER B 73 21.93 -32.62 6.42
N SER B 74 22.79 -32.46 5.41
CA SER B 74 23.81 -33.47 5.12
C SER B 74 24.97 -33.40 6.11
N THR B 75 25.12 -32.28 6.81
CA THR B 75 26.20 -32.10 7.77
C THR B 75 25.76 -32.40 9.19
N TYR B 76 24.50 -32.77 9.40
CA TYR B 76 24.02 -33.12 10.73
C TYR B 76 24.72 -34.38 11.24
N ARG B 77 25.16 -34.34 12.50
CA ARG B 77 25.67 -35.50 13.20
C ARG B 77 24.90 -35.70 14.50
N ASP B 78 24.40 -36.92 14.71
CA ASP B 78 23.72 -37.24 15.96
C ASP B 78 24.77 -37.53 17.03
N LEU B 79 24.51 -37.08 18.25
CA LEU B 79 25.36 -37.39 19.39
C LEU B 79 24.79 -38.47 20.28
N ARG B 80 23.57 -38.95 19.98
CA ARG B 80 22.89 -40.05 20.67
C ARG B 80 22.95 -39.91 22.20
N LYS B 81 22.66 -38.70 22.65
CA LYS B 81 22.56 -38.36 24.06
C LYS B 81 21.42 -37.35 24.18
N GLY B 82 20.60 -37.51 25.21
CA GLY B 82 19.56 -36.56 25.50
C GLY B 82 20.06 -35.41 26.35
N VAL B 83 19.18 -34.45 26.58
CA VAL B 83 19.54 -33.24 27.33
C VAL B 83 18.27 -32.58 27.84
N TYR B 84 18.37 -31.96 29.02
CA TYR B 84 17.23 -31.22 29.57
C TYR B 84 17.78 -29.94 30.18
N VAL B 85 17.08 -28.82 29.97
CA VAL B 85 17.49 -27.55 30.52
C VAL B 85 16.27 -26.89 31.20
N PRO B 86 16.32 -26.68 32.51
CA PRO B 86 15.26 -25.89 33.15
C PRO B 86 15.71 -24.46 33.42
N TYR B 87 15.00 -23.47 32.89
CA TYR B 87 15.33 -22.09 33.17
C TYR B 87 14.52 -21.60 34.37
N THR B 88 14.72 -20.33 34.74
CA THR B 88 13.79 -19.73 35.67
C THR B 88 12.37 -19.76 35.10
N GLN B 89 12.23 -19.45 33.82
CA GLN B 89 10.97 -19.53 33.10
C GLN B 89 11.15 -20.53 31.96
N GLY B 90 10.34 -21.59 31.98
CA GLY B 90 10.32 -22.56 30.90
C GLY B 90 11.37 -23.65 31.05
N LYS B 91 11.19 -24.68 30.24
CA LYS B 91 12.10 -25.81 30.24
C LYS B 91 11.90 -26.57 28.94
N TRP B 92 12.94 -27.28 28.53
CA TRP B 92 12.84 -28.14 27.35
C TRP B 92 13.75 -29.34 27.53
N GLU B 93 13.47 -30.38 26.73
CA GLU B 93 14.32 -31.53 26.57
C GLU B 93 14.49 -31.78 25.08
N GLY B 94 15.54 -32.52 24.74
CA GLY B 94 15.82 -32.74 23.35
C GLY B 94 16.99 -33.67 23.18
N GLU B 95 17.48 -33.72 21.94
CA GLU B 95 18.51 -34.64 21.48
C GLU B 95 19.73 -33.84 21.07
N LEU B 96 20.91 -34.26 21.53
CA LEU B 96 22.13 -33.55 21.17
C LEU B 96 22.67 -34.01 19.83
N GLY B 97 23.26 -33.07 19.10
CA GLY B 97 23.92 -33.33 17.85
C GLY B 97 24.83 -32.16 17.55
N THR B 98 25.50 -32.23 16.40
CA THR B 98 26.29 -31.12 15.90
C THR B 98 25.88 -30.83 14.46
N ASP B 99 26.14 -29.59 14.04
CA ASP B 99 25.90 -29.19 12.67
C ASP B 99 26.65 -27.89 12.39
N LEU B 100 26.69 -27.53 11.11
CA LEU B 100 27.32 -26.29 10.72
C LEU B 100 26.38 -25.13 11.01
N VAL B 101 26.93 -24.04 11.51
CA VAL B 101 26.15 -22.90 11.93
C VAL B 101 26.79 -21.62 11.38
N SER B 102 25.95 -20.70 10.93
CA SER B 102 26.42 -19.39 10.51
C SER B 102 25.53 -18.30 11.08
N ILE B 103 26.09 -17.10 11.14
CA ILE B 103 25.39 -15.88 11.51
C ILE B 103 25.44 -14.91 10.33
N PRO B 104 24.37 -14.83 9.54
CA PRO B 104 24.40 -14.01 8.30
C PRO B 104 24.87 -12.57 8.52
N HIS B 105 24.32 -11.88 9.51
CA HIS B 105 24.76 -10.54 9.88
C HIS B 105 25.70 -10.60 11.08
N GLY B 106 26.70 -11.46 10.98
CA GLY B 106 27.71 -11.59 12.00
C GLY B 106 29.05 -11.69 11.30
N PRO B 107 30.03 -12.31 11.94
CA PRO B 107 31.30 -12.53 11.26
C PRO B 107 31.08 -13.47 10.08
N ASN B 108 31.98 -13.39 9.12
CA ASN B 108 31.83 -14.16 7.89
C ASN B 108 32.52 -15.49 8.11
N VAL B 109 31.87 -16.37 8.88
CA VAL B 109 32.45 -17.68 9.20
C VAL B 109 31.37 -18.74 9.35
N THR B 110 31.79 -20.00 9.34
CA THR B 110 30.93 -21.15 9.58
C THR B 110 31.63 -22.08 10.55
N VAL B 111 30.93 -22.46 11.62
CA VAL B 111 31.49 -23.30 12.68
C VAL B 111 30.62 -24.54 12.86
N ARG B 112 31.27 -25.63 13.25
CA ARG B 112 30.55 -26.80 13.72
C ARG B 112 30.29 -26.63 15.22
N ALA B 113 29.02 -26.65 15.60
CA ALA B 113 28.63 -26.36 16.97
C ALA B 113 27.71 -27.44 17.51
N ASN B 114 27.70 -27.57 18.82
CA ASN B 114 26.69 -28.41 19.47
C ASN B 114 25.31 -27.79 19.31
N ILE B 115 24.33 -28.62 19.00
CA ILE B 115 22.95 -28.16 18.87
C ILE B 115 22.04 -29.12 19.63
N ALA B 116 21.27 -28.58 20.56
CA ALA B 116 20.21 -29.35 21.21
C ALA B 116 18.95 -29.18 20.37
N ALA B 117 18.50 -30.27 19.75
CA ALA B 117 17.30 -30.30 18.96
C ALA B 117 16.11 -30.49 19.90
N ILE B 118 15.33 -29.43 20.11
CA ILE B 118 14.27 -29.49 21.12
C ILE B 118 13.11 -30.35 20.62
N THR B 119 12.80 -31.40 21.37
CA THR B 119 11.67 -32.28 21.04
C THR B 119 10.44 -32.06 21.92
N GLU B 120 10.61 -31.59 23.16
CA GLU B 120 9.46 -31.26 23.99
C GLU B 120 9.82 -30.09 24.90
N SER B 121 8.80 -29.29 25.25
CA SER B 121 9.02 -28.07 26.01
C SER B 121 7.75 -27.66 26.73
N ASP B 122 7.93 -26.86 27.77
CA ASP B 122 6.85 -26.35 28.61
C ASP B 122 7.12 -24.87 28.91
N LYS B 123 6.21 -23.99 28.51
CA LYS B 123 6.33 -22.54 28.73
C LYS B 123 7.71 -22.01 28.33
N PHE B 124 8.25 -22.54 27.24
CA PHE B 124 9.52 -22.01 26.77
C PHE B 124 9.26 -21.08 25.58
N PHE B 125 8.77 -21.65 24.48
CA PHE B 125 8.41 -20.84 23.32
C PHE B 125 7.24 -19.92 23.66
N ILE B 126 7.31 -18.70 23.13
CA ILE B 126 6.34 -17.65 23.40
C ILE B 126 5.53 -17.44 22.13
N ASN B 127 4.21 -17.40 22.26
CA ASN B 127 3.35 -17.22 21.10
C ASN B 127 3.64 -15.89 20.42
N GLY B 128 4.05 -15.94 19.16
CA GLY B 128 4.30 -14.74 18.39
C GLY B 128 5.64 -14.07 18.65
N SER B 129 6.56 -14.75 19.33
CA SER B 129 7.84 -14.13 19.70
C SER B 129 8.75 -13.94 18.51
N ASN B 130 8.54 -14.72 17.44
CA ASN B 130 9.31 -14.75 16.20
C ASN B 130 10.71 -15.34 16.36
N TRP B 131 11.04 -15.97 17.49
CA TRP B 131 12.25 -16.76 17.54
C TRP B 131 11.95 -18.24 17.76
N GLU B 132 12.87 -19.09 17.32
CA GLU B 132 12.67 -20.53 17.31
C GLU B 132 13.73 -21.30 18.09
N GLY B 133 14.74 -20.61 18.61
CA GLY B 133 15.79 -21.24 19.36
C GLY B 133 16.45 -20.23 20.28
N ILE B 134 17.48 -20.69 20.99
CA ILE B 134 18.16 -19.89 21.99
C ILE B 134 19.66 -20.13 21.88
N LEU B 135 20.43 -19.05 22.01
CA LEU B 135 21.89 -19.08 21.92
C LEU B 135 22.44 -18.70 23.29
N GLY B 136 22.79 -19.70 24.09
CA GLY B 136 23.39 -19.43 25.38
C GLY B 136 24.84 -18.99 25.24
N LEU B 137 25.14 -17.75 25.64
CA LEU B 137 26.46 -17.17 25.44
C LEU B 137 27.35 -17.27 26.69
N ALA B 138 26.87 -17.88 27.78
CA ALA B 138 27.67 -18.02 28.99
C ALA B 138 28.60 -19.24 28.90
N TYR B 139 29.22 -19.62 30.02
CA TYR B 139 30.36 -20.53 29.99
C TYR B 139 29.96 -21.98 30.19
N ALA B 140 30.88 -22.88 29.81
CA ALA B 140 30.61 -24.32 29.80
C ALA B 140 30.14 -24.81 31.16
N GLU B 141 30.64 -24.18 32.23
CA GLU B 141 30.38 -24.67 33.58
C GLU B 141 28.90 -24.82 33.89
N ILE B 142 28.03 -24.08 33.21
CA ILE B 142 26.59 -24.21 33.43
C ILE B 142 25.87 -24.81 32.23
N ALA B 143 26.60 -25.36 31.25
CA ALA B 143 25.94 -26.09 30.17
C ALA B 143 25.35 -27.40 30.68
N ARG B 144 24.23 -27.81 30.07
CA ARG B 144 23.66 -29.13 30.27
C ARG B 144 24.03 -30.02 29.08
N PRO B 145 24.21 -31.34 29.25
CA PRO B 145 24.08 -32.02 30.55
C PRO B 145 25.25 -31.79 31.49
N ASP B 146 26.39 -31.30 30.98
CA ASP B 146 27.53 -30.97 31.84
C ASP B 146 28.51 -30.12 31.06
N ASP B 147 29.61 -29.74 31.72
CA ASP B 147 30.55 -28.78 31.12
C ASP B 147 31.38 -29.36 30.03
N SER B 148 31.17 -30.58 29.59
CA SER B 148 31.90 -31.09 28.44
C SER B 148 31.18 -30.77 27.14
N LEU B 149 29.96 -30.27 27.19
CA LEU B 149 29.30 -29.84 25.97
C LEU B 149 29.73 -28.40 25.70
N GLU B 150 30.69 -28.23 24.81
CA GLU B 150 31.25 -26.93 24.44
C GLU B 150 30.16 -25.96 23.97
N PRO B 151 29.97 -24.82 24.63
CA PRO B 151 29.01 -23.81 24.14
C PRO B 151 29.45 -23.20 22.82
N PHE B 152 28.46 -22.60 22.14
CA PHE B 152 28.67 -22.06 20.81
C PHE B 152 29.85 -21.09 20.72
N PHE B 153 29.91 -20.11 21.62
CA PHE B 153 30.93 -19.07 21.46
C PHE B 153 32.33 -19.63 21.66
N ASP B 154 32.49 -20.60 22.55
CA ASP B 154 33.78 -21.26 22.66
C ASP B 154 34.12 -21.98 21.36
N SER B 155 33.15 -22.62 20.72
CA SER B 155 33.41 -23.26 19.43
C SER B 155 33.79 -22.22 18.39
N LEU B 156 33.06 -21.11 18.36
CA LEU B 156 33.34 -20.03 17.41
C LEU B 156 34.77 -19.53 17.57
N VAL B 157 35.17 -19.26 18.80
CA VAL B 157 36.51 -18.73 19.08
C VAL B 157 37.56 -19.75 18.70
N LYS B 158 37.27 -21.03 18.94
CA LYS B 158 38.30 -22.03 18.78
C LYS B 158 38.47 -22.44 17.32
N GLN B 159 37.43 -22.29 16.49
CA GLN B 159 37.51 -22.68 15.09
C GLN B 159 37.81 -21.54 14.15
N THR B 160 37.72 -20.28 14.59
CA THR B 160 38.00 -19.14 13.73
C THR B 160 38.99 -18.17 14.37
N HIS B 161 39.21 -17.03 13.73
CA HIS B 161 40.10 -16.02 14.28
C HIS B 161 39.35 -14.91 14.98
N VAL B 162 38.05 -15.10 15.22
CA VAL B 162 37.20 -14.14 15.92
C VAL B 162 37.73 -13.88 17.33
N PRO B 163 38.03 -12.63 17.68
CA PRO B 163 38.46 -12.33 19.06
C PRO B 163 37.42 -12.75 20.09
N ASN B 164 37.92 -13.06 21.29
CA ASN B 164 37.13 -13.67 22.35
C ASN B 164 36.41 -12.60 23.17
N LEU B 165 35.51 -11.90 22.50
CA LEU B 165 34.58 -11.03 23.19
C LEU B 165 33.42 -10.72 22.27
N PHE B 166 32.31 -10.30 22.88
CA PHE B 166 31.19 -9.76 22.15
C PHE B 166 30.58 -8.64 22.99
N SER B 167 29.77 -7.82 22.33
CA SER B 167 29.13 -6.69 22.99
C SER B 167 27.68 -6.61 22.53
N LEU B 168 26.82 -6.13 23.42
CA LEU B 168 25.39 -6.09 23.20
C LEU B 168 24.87 -4.67 23.40
N GLN B 169 24.13 -4.17 22.41
CA GLN B 169 23.39 -2.92 22.52
C GLN B 169 21.92 -3.28 22.39
N LEU B 170 21.23 -3.41 23.51
CA LEU B 170 19.80 -3.72 23.52
C LEU B 170 19.02 -2.41 23.62
N CYS B 171 18.15 -2.16 22.64
CA CYS B 171 17.39 -0.91 22.58
C CYS B 171 15.93 -1.14 22.95
N GLY B 172 15.40 -0.27 23.79
CA GLY B 172 14.06 -0.39 24.31
C GLY B 172 13.01 0.27 23.42
N ALA B 173 11.81 0.39 23.96
CA ALA B 173 10.70 1.00 23.25
C ALA B 173 10.78 2.53 23.27
N SER B 185 9.08 -4.14 17.09
CA SER B 185 8.96 -3.44 18.36
C SER B 185 10.31 -2.90 18.89
N VAL B 186 11.30 -3.77 19.09
CA VAL B 186 12.63 -3.37 19.54
C VAL B 186 13.71 -3.91 18.62
N GLY B 187 14.89 -3.30 18.70
CA GLY B 187 16.06 -3.73 17.94
C GLY B 187 17.33 -3.55 18.75
N GLY B 188 18.44 -3.85 18.12
CA GLY B 188 19.71 -3.68 18.77
C GLY B 188 20.84 -4.26 17.94
N SER B 189 22.02 -4.32 18.56
CA SER B 189 23.23 -4.80 17.89
C SER B 189 23.95 -5.78 18.79
N MET B 190 24.37 -6.90 18.21
CA MET B 190 25.33 -7.81 18.81
C MET B 190 26.58 -7.76 17.97
N ILE B 191 27.62 -7.11 18.50
CA ILE B 191 28.92 -7.04 17.86
C ILE B 191 29.71 -8.27 18.29
N ILE B 192 29.95 -9.21 17.38
CA ILE B 192 30.69 -10.43 17.69
C ILE B 192 32.14 -10.22 17.35
N GLY B 193 33.01 -10.33 18.36
CA GLY B 193 34.42 -10.17 18.16
C GLY B 193 35.01 -8.80 18.43
N GLY B 194 34.23 -7.84 18.93
CA GLY B 194 34.82 -6.53 19.20
C GLY B 194 33.83 -5.52 19.76
N ILE B 195 34.28 -4.26 19.71
CA ILE B 195 33.57 -3.12 20.27
C ILE B 195 33.32 -2.10 19.15
N ASP B 196 32.10 -1.60 19.05
CA ASP B 196 31.76 -0.63 18.00
C ASP B 196 31.48 0.72 18.65
N HIS B 197 32.32 1.72 18.33
CA HIS B 197 32.24 2.98 19.03
C HIS B 197 31.02 3.82 18.68
N SER B 198 30.28 3.46 17.62
CA SER B 198 29.08 4.23 17.32
C SER B 198 27.91 3.81 18.20
N LEU B 199 28.07 2.71 18.95
CA LEU B 199 27.00 2.22 19.80
C LEU B 199 27.04 2.81 21.21
N TYR B 200 28.04 3.64 21.56
CA TYR B 200 28.05 4.24 22.89
C TYR B 200 28.67 5.62 22.89
N THR B 201 28.38 6.37 23.96
CA THR B 201 29.00 7.65 24.28
C THR B 201 29.67 7.56 25.66
N GLY B 202 30.65 8.43 25.89
CA GLY B 202 31.32 8.46 27.17
C GLY B 202 32.35 7.33 27.26
N SER B 203 32.74 7.01 28.49
CA SER B 203 33.73 5.96 28.71
C SER B 203 33.08 4.62 29.03
N LEU B 204 33.79 3.56 28.66
CA LEU B 204 33.51 2.23 29.18
C LEU B 204 34.06 2.09 30.61
N TRP B 205 33.24 1.53 31.52
CA TRP B 205 33.67 1.16 32.86
C TRP B 205 33.55 -0.35 33.01
N TYR B 206 34.58 -0.98 33.56
CA TYR B 206 34.65 -2.43 33.58
C TYR B 206 34.53 -2.96 35.00
N THR B 207 33.77 -4.05 35.13
CA THR B 207 33.69 -4.81 36.35
C THR B 207 34.21 -6.22 36.10
N PRO B 208 34.97 -6.80 37.03
CA PRO B 208 35.51 -8.16 36.80
C PRO B 208 34.40 -9.19 36.73
N ILE B 209 34.58 -10.17 35.86
CA ILE B 209 33.81 -11.41 35.92
C ILE B 209 34.31 -12.22 37.10
N ARG B 210 33.46 -12.42 38.10
CA ARG B 210 33.93 -13.05 39.33
C ARG B 210 34.32 -14.51 39.08
N ARG B 211 33.53 -15.20 38.27
CA ARG B 211 33.86 -16.57 37.94
C ARG B 211 33.17 -16.90 36.63
N GLU B 212 33.86 -17.66 35.78
CA GLU B 212 33.34 -17.96 34.44
C GLU B 212 32.38 -19.14 34.55
N TRP B 213 31.14 -18.81 34.88
CA TRP B 213 30.05 -19.77 34.75
C TRP B 213 28.86 -19.02 34.17
N TYR B 214 28.05 -18.38 35.01
CA TYR B 214 27.31 -17.22 34.53
C TYR B 214 28.29 -16.07 34.25
N TYR B 215 27.77 -14.96 33.72
CA TYR B 215 28.55 -13.71 33.75
C TYR B 215 28.30 -13.11 35.13
N GLU B 216 29.09 -13.57 36.09
CA GLU B 216 28.89 -13.22 37.48
C GLU B 216 29.66 -11.95 37.82
N VAL B 217 28.99 -11.01 38.48
CA VAL B 217 29.59 -9.74 38.87
C VAL B 217 29.30 -9.52 40.34
N ILE B 218 29.94 -8.49 40.90
CA ILE B 218 29.76 -8.16 42.31
C ILE B 218 29.20 -6.74 42.42
N ILE B 219 28.00 -6.64 42.96
CA ILE B 219 27.37 -5.35 43.30
C ILE B 219 27.82 -4.96 44.70
N VAL B 220 28.33 -3.74 44.87
CA VAL B 220 28.94 -3.32 46.13
C VAL B 220 28.14 -2.28 46.88
N ARG B 221 27.14 -1.66 46.27
CA ARG B 221 26.27 -0.66 46.87
C ARG B 221 25.05 -0.53 46.00
N VAL B 222 23.92 -0.23 46.62
CA VAL B 222 22.69 0.06 45.93
C VAL B 222 22.14 1.36 46.52
N GLU B 223 21.76 2.28 45.65
CA GLU B 223 21.14 3.53 46.07
C GLU B 223 19.84 3.67 45.31
N ILE B 224 18.81 4.12 46.00
CA ILE B 224 17.54 4.49 45.40
C ILE B 224 17.23 5.89 45.87
N ASN B 225 16.88 6.77 44.92
CA ASN B 225 16.63 8.18 45.20
C ASN B 225 17.87 8.86 45.79
N GLY B 226 19.06 8.35 45.47
CA GLY B 226 20.31 8.88 45.98
C GLY B 226 20.65 8.44 47.38
N GLN B 227 19.78 7.68 48.03
CA GLN B 227 19.97 7.23 49.40
C GLN B 227 20.33 5.76 49.43
N ASP B 228 21.37 5.43 50.19
CA ASP B 228 21.86 4.07 50.29
C ASP B 228 20.85 3.19 51.02
N LEU B 229 20.60 2.00 50.45
CA LEU B 229 19.70 1.03 51.06
C LEU B 229 20.25 0.48 52.38
N LYS B 230 21.55 0.65 52.63
CA LYS B 230 22.24 0.26 53.86
C LYS B 230 21.88 -1.15 54.32
N MET B 231 22.09 -2.10 53.42
CA MET B 231 22.12 -3.51 53.72
C MET B 231 23.57 -3.96 53.69
N ASP B 232 23.88 -5.06 54.34
CA ASP B 232 25.19 -5.66 54.14
C ASP B 232 25.30 -6.05 52.66
N CYS B 233 26.37 -5.60 51.99
CA CYS B 233 26.41 -5.71 50.53
C CYS B 233 26.39 -7.16 50.06
N LYS B 234 26.70 -8.12 50.94
CA LYS B 234 26.55 -9.53 50.60
C LYS B 234 25.12 -9.87 50.20
N GLU B 235 24.14 -9.17 50.77
CA GLU B 235 22.75 -9.43 50.42
C GLU B 235 22.48 -9.15 48.95
N TYR B 236 23.18 -8.17 48.37
CA TYR B 236 22.98 -7.82 46.97
C TYR B 236 23.40 -8.93 46.03
N ASN B 237 24.33 -9.79 46.46
CA ASN B 237 24.86 -10.85 45.60
C ASN B 237 24.58 -12.23 46.17
N TYR B 238 23.49 -12.34 46.91
CA TYR B 238 23.10 -13.59 47.55
C TYR B 238 22.04 -14.28 46.70
N ASP B 239 22.40 -15.40 46.09
CA ASP B 239 23.68 -16.09 46.20
C ASP B 239 24.63 -15.83 45.00
N LYS B 240 24.19 -15.00 44.06
CA LYS B 240 25.02 -14.56 42.94
C LYS B 240 24.36 -13.33 42.32
N SER B 241 25.14 -12.62 41.50
CA SER B 241 24.63 -11.54 40.66
C SER B 241 25.11 -11.79 39.25
N ILE B 242 24.19 -11.81 38.29
CA ILE B 242 24.54 -12.17 36.92
C ILE B 242 24.01 -11.12 35.95
N VAL B 243 24.69 -11.01 34.81
CA VAL B 243 24.27 -10.16 33.69
C VAL B 243 23.59 -11.07 32.66
N ASP B 244 22.33 -10.80 32.37
CA ASP B 244 21.50 -11.82 31.71
C ASP B 244 20.54 -11.17 30.70
N SER B 245 20.93 -11.21 29.43
CA SER B 245 20.07 -10.65 28.39
C SER B 245 18.81 -11.48 28.13
N GLY B 246 18.77 -12.71 28.62
CA GLY B 246 17.64 -13.60 28.47
C GLY B 246 16.58 -13.47 29.55
N THR B 247 16.78 -12.62 30.55
CA THR B 247 15.77 -12.35 31.57
C THR B 247 15.28 -10.92 31.39
N THR B 248 13.96 -10.72 31.47
CA THR B 248 13.42 -9.39 31.22
C THR B 248 13.70 -8.43 32.38
N ASN B 249 13.36 -8.83 33.59
CA ASN B 249 13.31 -7.91 34.72
C ASN B 249 14.67 -7.73 35.36
N LEU B 250 14.77 -6.68 36.19
CA LEU B 250 15.75 -6.66 37.27
C LEU B 250 15.19 -7.53 38.40
N ARG B 251 15.84 -8.65 38.68
CA ARG B 251 15.43 -9.56 39.73
C ARG B 251 16.40 -9.44 40.90
N LEU B 252 15.85 -9.32 42.09
CA LEU B 252 16.57 -9.01 43.31
C LEU B 252 16.32 -10.05 44.37
N PRO B 253 17.32 -10.41 45.17
CA PRO B 253 17.07 -11.27 46.32
C PRO B 253 15.99 -10.69 47.23
N LYS B 254 15.28 -11.60 47.89
CA LYS B 254 14.08 -11.29 48.65
C LYS B 254 14.27 -10.06 49.55
N LYS B 255 15.30 -10.07 50.40
CA LYS B 255 15.50 -8.97 51.35
C LYS B 255 15.78 -7.65 50.62
N VAL B 256 16.52 -7.71 49.51
CA VAL B 256 16.81 -6.50 48.75
C VAL B 256 15.56 -6.00 48.03
N PHE B 257 14.81 -6.92 47.43
CA PHE B 257 13.56 -6.56 46.75
C PHE B 257 12.60 -5.85 47.68
N GLU B 258 12.38 -6.40 48.87
CA GLU B 258 11.48 -5.74 49.82
C GLU B 258 11.99 -4.36 50.16
N ALA B 259 13.30 -4.24 50.41
CA ALA B 259 13.90 -2.93 50.65
C ALA B 259 13.69 -2.02 49.45
N ALA B 260 13.82 -2.54 48.22
CA ALA B 260 13.73 -1.69 47.05
C ALA B 260 12.30 -1.21 46.82
N VAL B 261 11.28 -2.07 47.04
CA VAL B 261 9.90 -1.60 46.96
C VAL B 261 9.55 -0.63 48.07
N LYS B 262 10.07 -0.83 49.28
CA LYS B 262 9.75 0.14 50.31
C LYS B 262 10.28 1.50 49.92
N SER B 263 11.47 1.54 49.32
CA SER B 263 12.07 2.81 48.90
C SER B 263 11.36 3.40 47.69
N ILE B 264 10.98 2.57 46.72
CA ILE B 264 10.34 3.10 45.52
C ILE B 264 8.92 3.57 45.82
N LYS B 265 8.20 2.84 46.68
CA LYS B 265 6.87 3.28 47.12
C LYS B 265 6.91 4.66 47.75
N ALA B 266 7.79 4.85 48.75
CA ALA B 266 7.85 6.13 49.44
C ALA B 266 8.15 7.29 48.48
N ALA B 267 9.07 7.08 47.53
CA ALA B 267 9.39 8.15 46.59
C ALA B 267 8.24 8.46 45.64
N SER B 268 7.34 7.52 45.41
CA SER B 268 6.24 7.68 44.47
C SER B 268 4.89 7.79 45.17
N SER B 269 4.88 7.98 46.49
CA SER B 269 3.64 7.97 47.26
C SER B 269 2.65 9.06 46.88
N THR B 270 3.06 10.01 46.02
CA THR B 270 2.10 10.95 45.43
C THR B 270 0.91 10.21 44.87
N GLU B 271 1.16 9.07 44.23
CA GLU B 271 0.12 8.15 43.82
C GLU B 271 0.34 6.85 44.59
N LYS B 272 -0.76 6.15 44.90
CA LYS B 272 -0.74 4.84 45.53
C LYS B 272 -1.20 3.84 44.49
N PHE B 273 -0.62 2.66 44.51
CA PHE B 273 -0.83 1.67 43.46
C PHE B 273 -1.24 0.35 44.09
N PRO B 274 -2.00 -0.47 43.37
CA PRO B 274 -2.38 -1.78 43.89
C PRO B 274 -1.15 -2.58 44.28
N ASP B 275 -1.32 -3.47 45.26
CA ASP B 275 -0.23 -4.34 45.66
C ASP B 275 0.19 -5.26 44.52
N GLY B 276 -0.72 -5.54 43.59
CA GLY B 276 -0.40 -6.33 42.42
C GLY B 276 0.49 -5.63 41.43
N PHE B 277 0.48 -4.30 41.42
CA PHE B 277 1.41 -3.60 40.55
C PHE B 277 2.84 -3.88 41.00
N TRP B 278 3.08 -3.77 42.31
CA TRP B 278 4.41 -4.02 42.85
C TRP B 278 4.82 -5.47 42.74
N LEU B 279 3.92 -6.38 42.37
CA LEU B 279 4.26 -7.78 42.15
C LEU B 279 4.34 -8.15 40.68
N GLY B 280 4.24 -7.18 39.78
CA GLY B 280 4.36 -7.48 38.37
C GLY B 280 3.13 -8.10 37.77
N GLU B 281 2.04 -8.15 38.52
CA GLU B 281 0.82 -8.80 38.09
C GLU B 281 -0.10 -7.86 37.34
N GLN B 282 -0.26 -6.64 37.84
CA GLN B 282 -1.21 -5.69 37.26
C GLN B 282 -0.45 -4.53 36.61
N LEU B 283 -1.00 -4.03 35.53
CA LEU B 283 -0.46 -2.86 34.87
C LEU B 283 -0.91 -1.60 35.61
N VAL B 284 -0.28 -0.48 35.28
CA VAL B 284 -0.73 0.84 35.70
C VAL B 284 -0.76 1.69 34.44
N CYS B 285 -1.80 2.51 34.30
CA CYS B 285 -1.94 3.32 33.10
C CYS B 285 -2.14 4.79 33.46
N TRP B 286 -1.75 5.63 32.51
CA TRP B 286 -1.96 7.06 32.57
C TRP B 286 -2.36 7.51 31.19
N GLN B 287 -3.07 8.64 31.13
CA GLN B 287 -3.40 9.28 29.86
C GLN B 287 -2.14 9.38 29.00
N ALA B 288 -2.26 8.95 27.75
CA ALA B 288 -1.11 8.97 26.84
C ALA B 288 -0.29 10.24 27.01
N GLY B 289 1.01 10.09 27.23
CA GLY B 289 1.86 11.24 27.38
C GLY B 289 1.86 11.95 28.72
N THR B 290 1.20 11.40 29.75
CA THR B 290 1.18 12.06 31.06
C THR B 290 1.86 11.20 32.13
N THR B 291 2.62 10.18 31.72
CA THR B 291 3.33 9.34 32.66
C THR B 291 4.12 10.22 33.64
N PRO B 292 3.91 10.07 34.95
CA PRO B 292 4.56 10.93 35.99
C PRO B 292 5.98 10.47 36.32
N TRP B 293 6.86 10.57 35.33
CA TRP B 293 8.20 10.03 35.48
C TRP B 293 8.92 10.55 36.72
N ASN B 294 8.77 11.84 37.06
CA ASN B 294 9.64 12.36 38.10
C ASN B 294 9.32 11.83 39.48
N ILE B 295 8.15 11.20 39.69
CA ILE B 295 7.81 10.72 41.03
C ILE B 295 8.42 9.36 41.30
N PHE B 296 9.05 8.74 40.30
CA PHE B 296 9.78 7.49 40.45
C PHE B 296 11.27 7.76 40.54
N PRO B 297 11.96 7.18 41.52
CA PRO B 297 13.38 7.47 41.72
C PRO B 297 14.28 6.74 40.72
N VAL B 298 15.52 7.21 40.66
CA VAL B 298 16.58 6.51 39.94
C VAL B 298 17.23 5.50 40.89
N ILE B 299 17.66 4.38 40.32
CA ILE B 299 18.34 3.31 41.03
C ILE B 299 19.79 3.28 40.57
N SER B 300 20.72 3.30 41.52
CA SER B 300 22.13 3.25 41.20
C SER B 300 22.69 1.94 41.71
N LEU B 301 23.22 1.11 40.80
CA LEU B 301 23.95 -0.08 41.16
C LEU B 301 25.43 0.22 41.05
N TYR B 302 26.15 0.13 42.16
CA TYR B 302 27.60 0.26 42.12
C TYR B 302 28.22 -1.11 41.95
N LEU B 303 29.15 -1.23 41.00
CA LEU B 303 29.84 -2.46 40.67
C LEU B 303 31.32 -2.39 41.04
N MET B 304 31.88 -3.53 41.41
CA MET B 304 33.31 -3.62 41.66
C MET B 304 34.10 -3.18 40.43
N GLY B 305 35.12 -2.36 40.67
CA GLY B 305 35.97 -1.86 39.63
C GLY B 305 37.20 -2.71 39.39
N GLU B 306 38.09 -2.14 38.56
CA GLU B 306 39.37 -2.75 38.17
C GLU B 306 40.55 -2.38 39.06
N VAL B 307 40.52 -1.27 39.79
CA VAL B 307 41.67 -0.96 40.66
C VAL B 307 41.22 -1.00 42.11
N THR B 308 42.22 -1.08 42.99
CA THR B 308 42.01 -1.29 44.41
C THR B 308 41.06 -0.26 44.99
N ASN B 309 40.01 -0.74 45.68
CA ASN B 309 39.06 0.11 46.40
C ASN B 309 38.29 1.02 45.45
N GLN B 310 38.22 0.69 44.17
CA GLN B 310 37.55 1.53 43.19
C GLN B 310 36.33 0.80 42.61
N SER B 311 35.18 1.45 42.70
CA SER B 311 33.92 1.07 42.10
C SER B 311 33.47 2.12 41.06
N PHE B 312 32.33 1.83 40.42
CA PHE B 312 31.63 2.77 39.57
C PHE B 312 30.15 2.44 39.70
N ARG B 313 29.28 3.32 39.19
CA ARG B 313 27.86 3.04 39.23
C ARG B 313 27.21 3.15 37.84
N ILE B 314 26.14 2.38 37.67
CA ILE B 314 25.20 2.55 36.57
C ILE B 314 23.88 2.99 37.20
N THR B 315 23.25 3.98 36.60
CA THR B 315 22.01 4.52 37.13
C THR B 315 20.87 4.19 36.19
N ILE B 316 19.77 3.71 36.75
CA ILE B 316 18.62 3.20 36.03
C ILE B 316 17.46 4.17 36.22
N LEU B 317 16.83 4.55 35.12
CA LEU B 317 15.68 5.45 35.12
C LEU B 317 14.39 4.68 35.23
N PRO B 318 13.31 5.32 35.69
CA PRO B 318 12.00 4.65 35.69
C PRO B 318 11.58 4.19 34.31
N GLN B 319 12.02 4.88 33.25
CA GLN B 319 11.75 4.43 31.90
C GLN B 319 12.31 3.05 31.61
N GLN B 320 13.24 2.57 32.43
CA GLN B 320 13.75 1.22 32.27
C GLN B 320 12.96 0.22 33.10
N TYR B 321 12.70 0.50 34.37
CA TYR B 321 12.07 -0.52 35.20
C TYR B 321 10.55 -0.42 35.21
N LEU B 322 9.99 0.50 34.42
CA LEU B 322 8.56 0.49 34.08
C LEU B 322 8.49 0.10 32.62
N ARG B 323 8.20 -1.17 32.37
CA ARG B 323 8.24 -1.70 31.02
C ARG B 323 6.93 -1.41 30.31
N PRO B 324 6.96 -0.83 29.10
CA PRO B 324 5.70 -0.50 28.42
C PRO B 324 5.03 -1.77 27.90
N VAL B 325 3.69 -1.79 28.02
CA VAL B 325 2.86 -2.95 27.70
C VAL B 325 1.62 -2.52 26.92
N GLU B 326 1.05 -3.47 26.16
CA GLU B 326 -0.14 -3.18 25.37
C GLU B 326 -1.33 -2.85 26.26
N ASP B 327 -2.12 -1.86 25.86
CA ASP B 327 -3.18 -1.34 26.71
C ASP B 327 -4.32 -2.36 26.81
N VAL B 328 -4.75 -2.68 28.05
CA VAL B 328 -5.79 -3.67 28.28
C VAL B 328 -7.22 -3.11 28.21
N ALA B 329 -7.40 -1.85 27.86
CA ALA B 329 -8.73 -1.26 27.77
C ALA B 329 -8.97 -0.74 26.36
N THR B 330 -10.16 -0.14 26.15
CA THR B 330 -10.52 0.51 24.89
C THR B 330 -9.95 1.91 24.78
N SER B 331 -8.88 2.20 25.52
CA SER B 331 -8.28 3.51 25.58
C SER B 331 -7.01 3.55 24.74
N GLN B 332 -6.52 4.78 24.52
CA GLN B 332 -5.17 4.97 24.02
C GLN B 332 -4.34 5.59 25.14
N ASP B 333 -4.22 4.89 26.26
CA ASP B 333 -3.36 5.30 27.36
C ASP B 333 -1.99 4.64 27.28
N ASP B 334 -1.06 5.12 28.12
CA ASP B 334 0.24 4.50 28.31
C ASP B 334 0.18 3.59 29.54
N CYS B 335 0.50 2.32 29.35
CA CYS B 335 0.41 1.34 30.43
C CYS B 335 1.76 0.68 30.62
N TYR B 336 2.08 0.39 31.88
CA TYR B 336 3.41 -0.09 32.23
C TYR B 336 3.28 -1.18 33.28
N LYS B 337 4.23 -2.09 33.25
CA LYS B 337 4.33 -3.16 34.22
C LYS B 337 5.61 -2.96 35.03
N PHE B 338 5.53 -3.14 36.34
CA PHE B 338 6.70 -3.01 37.19
C PHE B 338 7.68 -4.14 36.85
N ALA B 339 8.88 -3.77 36.37
CA ALA B 339 9.85 -4.72 35.87
C ALA B 339 10.98 -4.98 36.85
N ILE B 340 10.71 -4.83 38.14
CA ILE B 340 11.59 -5.30 39.20
C ILE B 340 10.82 -6.36 39.98
N SER B 341 11.43 -7.53 40.17
CA SER B 341 10.72 -8.62 40.81
C SER B 341 11.68 -9.43 41.67
N GLN B 342 11.08 -10.33 42.44
CA GLN B 342 11.78 -11.06 43.47
C GLN B 342 12.44 -12.30 42.90
N SER B 343 13.55 -12.70 43.54
CA SER B 343 14.32 -13.84 43.11
C SER B 343 14.79 -14.62 44.33
N SER B 344 14.91 -15.93 44.19
CA SER B 344 15.50 -16.77 45.22
C SER B 344 16.82 -17.37 44.75
N THR B 345 17.35 -16.90 43.62
CA THR B 345 18.59 -17.43 43.06
C THR B 345 19.57 -16.31 42.75
N GLY B 346 19.47 -15.20 43.47
CA GLY B 346 20.41 -14.08 43.32
C GLY B 346 19.87 -12.98 42.43
N THR B 347 20.71 -11.96 42.25
CA THR B 347 20.38 -10.83 41.40
C THR B 347 20.53 -11.20 39.93
N VAL B 348 19.57 -10.78 39.11
CA VAL B 348 19.63 -10.91 37.67
C VAL B 348 19.53 -9.52 37.08
N MET B 349 20.62 -9.05 36.46
CA MET B 349 20.60 -7.78 35.73
C MET B 349 20.09 -8.11 34.34
N GLY B 350 18.77 -8.06 34.18
CA GLY B 350 18.11 -8.45 32.95
C GLY B 350 18.14 -7.38 31.88
N ALA B 351 17.38 -7.65 30.82
CA ALA B 351 17.35 -6.76 29.65
C ALA B 351 16.90 -5.36 30.03
N VAL B 352 16.04 -5.26 31.04
CA VAL B 352 15.55 -3.95 31.47
C VAL B 352 16.69 -3.11 32.01
N ILE B 353 17.71 -3.74 32.61
CA ILE B 353 18.89 -3.01 33.06
C ILE B 353 19.83 -2.76 31.88
N MET B 354 20.00 -3.74 31.01
CA MET B 354 20.96 -3.61 29.93
C MET B 354 20.55 -2.59 28.88
N GLU B 355 19.25 -2.30 28.77
CA GLU B 355 18.77 -1.44 27.70
C GLU B 355 19.39 -0.04 27.79
N GLY B 356 19.58 0.46 29.02
CA GLY B 356 20.27 1.73 29.17
C GLY B 356 21.66 1.80 28.56
N PHE B 357 22.31 0.65 28.35
CA PHE B 357 23.75 0.60 28.23
C PHE B 357 24.24 -0.20 27.02
N TYR B 358 25.49 0.08 26.66
CA TYR B 358 26.30 -0.79 25.81
C TYR B 358 27.11 -1.69 26.73
N VAL B 359 26.95 -3.00 26.60
CA VAL B 359 27.52 -3.94 27.55
C VAL B 359 28.51 -4.82 26.82
N VAL B 360 29.77 -4.79 27.26
CA VAL B 360 30.85 -5.48 26.60
C VAL B 360 31.20 -6.72 27.41
N PHE B 361 31.04 -7.89 26.80
CA PHE B 361 31.39 -9.16 27.45
C PHE B 361 32.80 -9.50 27.03
N ASP B 362 33.76 -8.96 27.76
CA ASP B 362 35.18 -9.08 27.42
C ASP B 362 35.72 -10.36 28.06
N ARG B 363 35.40 -11.48 27.43
CA ARG B 363 35.85 -12.78 27.94
C ARG B 363 37.37 -12.86 28.01
N ALA B 364 38.06 -12.28 27.02
CA ALA B 364 39.52 -12.35 26.98
C ALA B 364 40.14 -11.79 28.26
N ARG B 365 39.55 -10.73 28.80
CA ARG B 365 40.12 -10.07 29.97
C ARG B 365 39.26 -10.25 31.21
N LYS B 366 38.33 -11.21 31.18
CA LYS B 366 37.50 -11.60 32.31
C LYS B 366 36.84 -10.38 32.96
N ARG B 367 36.17 -9.58 32.14
CA ARG B 367 35.54 -8.37 32.64
C ARG B 367 34.36 -7.99 31.77
N ILE B 368 33.44 -7.26 32.36
CA ILE B 368 32.25 -6.77 31.69
C ILE B 368 32.28 -5.25 31.72
N GLY B 369 32.09 -4.63 30.56
CA GLY B 369 32.14 -3.18 30.41
C GLY B 369 30.76 -2.58 30.22
N PHE B 370 30.56 -1.40 30.79
CA PHE B 370 29.32 -0.65 30.69
C PHE B 370 29.60 0.75 30.17
N ALA B 371 28.78 1.20 29.24
CA ALA B 371 28.80 2.59 28.78
C ALA B 371 27.38 2.99 28.44
N VAL B 372 27.12 4.30 28.44
CA VAL B 372 25.81 4.79 28.07
C VAL B 372 25.55 4.48 26.59
N SER B 373 24.36 3.96 26.30
CA SER B 373 24.06 3.51 24.95
C SER B 373 23.74 4.68 24.00
N ALA B 374 24.10 4.50 22.73
CA ALA B 374 23.67 5.47 21.70
C ALA B 374 22.15 5.53 21.58
N CYS B 375 21.46 4.44 21.93
CA CYS B 375 20.00 4.43 22.04
C CYS B 375 19.61 4.47 23.51
N HIS B 376 20.15 5.45 24.23
CA HIS B 376 20.02 5.55 25.69
C HIS B 376 18.65 6.07 26.12
N VAL B 377 18.39 5.86 27.40
CA VAL B 377 17.15 6.24 28.05
C VAL B 377 17.30 7.67 28.56
N HIS B 378 16.27 8.50 28.35
CA HIS B 378 16.38 9.89 28.73
C HIS B 378 15.06 10.66 28.58
N ASP B 379 14.47 11.02 29.71
CA ASP B 379 13.54 12.14 29.72
C ASP B 379 14.36 13.43 29.74
N GLU B 380 13.64 14.57 29.72
CA GLU B 380 14.10 15.95 29.63
C GLU B 380 14.88 16.38 30.86
N PHE B 381 14.75 15.64 31.97
CA PHE B 381 15.32 16.10 33.22
C PHE B 381 16.35 15.17 33.84
N ARG B 382 16.39 13.90 33.45
CA ARG B 382 17.31 12.92 34.02
C ARG B 382 17.84 12.03 32.90
N THR B 383 18.98 11.41 33.15
CA THR B 383 19.61 10.54 32.15
C THR B 383 20.25 9.34 32.82
N ALA B 384 20.10 8.17 32.20
CA ALA B 384 20.90 7.01 32.58
C ALA B 384 22.38 7.34 32.48
N ALA B 385 23.18 6.75 33.37
CA ALA B 385 24.57 7.15 33.40
C ALA B 385 25.46 6.01 33.83
N VAL B 386 26.74 6.13 33.49
CA VAL B 386 27.81 5.27 33.96
C VAL B 386 28.90 6.20 34.49
N GLU B 387 29.11 6.19 35.80
CA GLU B 387 29.92 7.21 36.45
C GLU B 387 30.92 6.57 37.39
N GLY B 388 32.13 7.13 37.40
CA GLY B 388 33.17 6.75 38.29
C GLY B 388 34.28 7.76 38.19
N PRO B 389 35.36 7.58 38.95
CA PRO B 389 35.50 6.48 39.92
C PRO B 389 34.79 6.81 41.24
N PHE B 390 34.44 5.77 42.00
CA PHE B 390 34.04 5.89 43.39
C PHE B 390 34.95 5.03 44.23
N VAL B 391 35.03 5.34 45.52
CA VAL B 391 35.78 4.55 46.48
C VAL B 391 34.84 3.64 47.26
N THR B 392 35.18 2.35 47.32
CA THR B 392 34.44 1.39 48.10
C THR B 392 35.46 0.45 48.73
N LEU B 393 35.38 0.28 50.05
CA LEU B 393 36.28 -0.65 50.74
C LEU B 393 35.70 -2.07 50.78
N ASP B 394 36.61 -3.05 50.93
CA ASP B 394 36.25 -4.47 51.13
C ASP B 394 35.32 -5.02 50.06
N MET B 395 35.58 -4.66 48.81
CA MET B 395 34.63 -5.02 47.76
C MET B 395 34.51 -6.53 47.60
N GLU B 396 35.62 -7.26 47.78
CA GLU B 396 35.56 -8.69 47.58
C GLU B 396 34.70 -9.38 48.64
N ASP B 397 34.55 -8.76 49.82
CA ASP B 397 33.66 -9.28 50.85
C ASP B 397 32.20 -9.20 50.46
N CYS B 398 31.87 -8.41 49.43
CA CYS B 398 30.48 -8.34 49.00
C CYS B 398 30.06 -9.59 48.26
N GLY B 399 31.04 -10.41 47.83
CA GLY B 399 30.71 -11.66 47.18
C GLY B 399 30.25 -12.70 48.17
N TYR B 400 29.25 -13.49 47.76
CA TYR B 400 28.69 -14.52 48.63
C TYR B 400 29.46 -15.83 48.52
N ASN B 401 29.54 -16.57 49.64
CA ASN B 401 30.19 -17.88 49.63
C ASN B 401 29.30 -18.98 50.26
N SER C 14 -45.36 -8.20 -6.31
CA SER C 14 -45.94 -9.17 -7.24
C SER C 14 -45.12 -9.26 -8.53
N PHE C 15 -43.87 -8.81 -8.43
CA PHE C 15 -42.99 -8.69 -9.60
C PHE C 15 -42.38 -10.03 -10.03
N VAL C 16 -42.42 -11.06 -9.17
CA VAL C 16 -41.84 -12.34 -9.55
C VAL C 16 -42.53 -12.89 -10.80
N GLU C 17 -43.80 -12.53 -11.01
CA GLU C 17 -44.57 -12.88 -12.20
C GLU C 17 -44.07 -12.19 -13.45
N MET C 18 -43.19 -11.21 -13.33
CA MET C 18 -42.65 -10.52 -14.48
C MET C 18 -41.20 -10.86 -14.75
N VAL C 19 -40.51 -11.51 -13.81
CA VAL C 19 -39.13 -11.91 -14.06
C VAL C 19 -39.05 -12.78 -15.30
N ASP C 20 -38.07 -12.49 -16.15
CA ASP C 20 -37.75 -13.32 -17.30
C ASP C 20 -38.87 -13.29 -18.36
N ASN C 21 -39.61 -12.18 -18.45
CA ASN C 21 -40.71 -12.05 -19.39
C ASN C 21 -40.27 -11.48 -20.75
N LEU C 22 -38.98 -11.28 -20.97
CA LEU C 22 -38.49 -10.84 -22.27
C LEU C 22 -37.66 -11.93 -22.92
N ARG C 23 -37.76 -11.98 -24.23
CA ARG C 23 -36.93 -12.86 -25.03
C ARG C 23 -36.45 -12.07 -26.23
N GLY C 24 -35.50 -12.67 -26.94
CA GLY C 24 -35.00 -12.04 -28.15
C GLY C 24 -33.95 -12.93 -28.76
N LYS C 25 -33.53 -12.52 -29.96
CA LYS C 25 -32.35 -13.06 -30.59
C LYS C 25 -31.29 -11.97 -30.55
N SER C 26 -30.03 -12.38 -30.47
CA SER C 26 -28.90 -11.45 -30.40
C SER C 26 -29.00 -10.35 -31.45
N GLY C 27 -28.94 -9.09 -31.00
CA GLY C 27 -28.92 -7.96 -31.91
C GLY C 27 -30.19 -7.74 -32.70
N GLN C 28 -31.26 -8.47 -32.39
CA GLN C 28 -32.53 -8.32 -33.07
C GLN C 28 -33.60 -7.80 -32.13
N GLY C 29 -33.24 -7.41 -30.92
CA GLY C 29 -34.16 -6.73 -30.03
C GLY C 29 -34.79 -7.66 -29.00
N TYR C 30 -35.20 -7.07 -27.90
CA TYR C 30 -35.91 -7.77 -26.83
C TYR C 30 -37.40 -7.52 -26.98
N TYR C 31 -38.20 -8.57 -26.85
CA TYR C 31 -39.64 -8.43 -26.98
C TYR C 31 -40.35 -9.03 -25.79
N VAL C 32 -41.55 -8.51 -25.56
CA VAL C 32 -42.46 -8.96 -24.52
C VAL C 32 -43.73 -9.41 -25.23
N GLU C 33 -44.37 -10.44 -24.67
CA GLU C 33 -45.64 -10.93 -25.21
C GLU C 33 -46.79 -10.05 -24.76
N MET C 34 -47.66 -9.69 -25.72
CA MET C 34 -48.85 -8.89 -25.45
C MET C 34 -50.02 -9.54 -26.17
N THR C 35 -51.24 -9.16 -25.77
CA THR C 35 -52.43 -9.50 -26.51
C THR C 35 -53.14 -8.21 -26.89
N VAL C 36 -53.71 -8.17 -28.08
CA VAL C 36 -54.53 -7.06 -28.55
C VAL C 36 -55.85 -7.60 -29.06
N GLY C 37 -56.94 -6.89 -28.77
CA GLY C 37 -58.24 -7.19 -29.34
C GLY C 37 -59.09 -8.13 -28.50
N SER C 38 -60.35 -8.25 -28.91
CA SER C 38 -61.31 -9.14 -28.27
C SER C 38 -61.93 -10.01 -29.36
N PRO C 39 -61.72 -11.33 -29.35
CA PRO C 39 -60.88 -12.06 -28.39
C PRO C 39 -59.38 -11.74 -28.57
N PRO C 40 -58.59 -11.94 -27.52
CA PRO C 40 -57.18 -11.53 -27.55
C PRO C 40 -56.38 -12.19 -28.66
N GLN C 41 -55.67 -11.37 -29.41
CA GLN C 41 -54.70 -11.82 -30.40
C GLN C 41 -53.30 -11.65 -29.82
N THR C 42 -52.50 -12.71 -29.88
CA THR C 42 -51.21 -12.73 -29.21
C THR C 42 -50.13 -12.27 -30.18
N LEU C 43 -49.30 -11.33 -29.73
CA LEU C 43 -48.21 -10.79 -30.53
C LEU C 43 -47.00 -10.59 -29.62
N ASN C 44 -45.81 -10.78 -30.20
CA ASN C 44 -44.54 -10.45 -29.57
C ASN C 44 -44.19 -9.02 -29.95
N ILE C 45 -43.94 -8.18 -28.94
CA ILE C 45 -43.81 -6.74 -29.13
C ILE C 45 -42.44 -6.31 -28.61
N LEU C 46 -41.66 -5.67 -29.48
CA LEU C 46 -40.35 -5.14 -29.12
C LEU C 46 -40.47 -4.03 -28.07
N VAL C 47 -39.68 -4.11 -27.00
CA VAL C 47 -39.68 -3.07 -25.97
C VAL C 47 -38.64 -2.03 -26.35
N ASP C 48 -39.09 -0.80 -26.61
CA ASP C 48 -38.22 0.22 -27.19
C ASP C 48 -38.37 1.52 -26.38
N THR C 49 -37.40 1.79 -25.51
CA THR C 49 -37.39 3.06 -24.78
C THR C 49 -36.90 4.22 -25.65
N GLY C 50 -36.62 3.98 -26.94
CA GLY C 50 -36.17 5.00 -27.86
C GLY C 50 -37.22 5.62 -28.76
N SER C 51 -38.49 5.30 -28.56
CA SER C 51 -39.57 5.88 -29.36
C SER C 51 -40.83 5.81 -28.51
N SER C 52 -41.96 6.24 -29.09
CA SER C 52 -43.16 6.42 -28.29
C SER C 52 -44.43 5.96 -28.99
N ASN C 53 -44.34 5.23 -30.09
CA ASN C 53 -45.52 4.72 -30.75
C ASN C 53 -45.66 3.23 -30.48
N PHE C 54 -46.87 2.82 -30.10
CA PHE C 54 -47.25 1.41 -30.05
C PHE C 54 -47.79 1.03 -31.43
N ALA C 55 -47.13 0.10 -32.09
CA ALA C 55 -47.47 -0.23 -33.47
C ALA C 55 -47.30 -1.72 -33.67
N VAL C 56 -48.16 -2.30 -34.50
CA VAL C 56 -48.10 -3.73 -34.78
C VAL C 56 -48.39 -3.97 -36.25
N GLY C 57 -47.72 -4.96 -36.83
CA GLY C 57 -48.06 -5.42 -38.16
C GLY C 57 -49.54 -5.75 -38.25
N ALA C 58 -50.22 -5.28 -39.30
CA ALA C 58 -51.64 -5.50 -39.46
C ALA C 58 -51.97 -5.97 -40.88
N ALA C 59 -50.97 -6.48 -41.59
CA ALA C 59 -51.09 -6.89 -42.97
C ALA C 59 -49.96 -7.87 -43.24
N PRO C 60 -50.14 -8.82 -44.15
CA PRO C 60 -49.10 -9.82 -44.39
C PRO C 60 -47.78 -9.18 -44.78
N HIS C 61 -46.70 -9.83 -44.38
CA HIS C 61 -45.37 -9.37 -44.69
C HIS C 61 -44.49 -10.61 -44.70
N PRO C 62 -43.50 -10.66 -45.59
CA PRO C 62 -42.67 -11.87 -45.68
C PRO C 62 -42.02 -12.30 -44.37
N PHE C 63 -41.73 -11.37 -43.47
CA PHE C 63 -41.04 -11.71 -42.23
C PHE C 63 -41.98 -11.90 -41.05
N LEU C 64 -43.26 -11.58 -41.22
CA LEU C 64 -44.26 -11.69 -40.16
C LEU C 64 -44.92 -13.06 -40.23
N HIS C 65 -44.91 -13.78 -39.11
CA HIS C 65 -45.60 -15.05 -39.07
C HIS C 65 -47.02 -14.92 -38.55
N ARG C 66 -47.36 -13.78 -37.95
CA ARG C 66 -48.72 -13.46 -37.59
C ARG C 66 -48.84 -11.95 -37.59
N TYR C 67 -50.07 -11.45 -37.50
CA TYR C 67 -50.27 -10.01 -37.46
C TYR C 67 -51.66 -9.69 -36.89
N TYR C 68 -51.85 -8.41 -36.60
CA TYR C 68 -53.08 -7.91 -36.01
C TYR C 68 -54.20 -7.91 -37.05
N GLN C 69 -55.32 -8.52 -36.70
CA GLN C 69 -56.47 -8.58 -37.60
C GLN C 69 -57.59 -7.76 -36.97
N ARG C 70 -57.70 -6.48 -37.37
CA ARG C 70 -58.66 -5.58 -36.76
C ARG C 70 -60.10 -6.09 -36.94
N GLN C 71 -60.37 -6.69 -38.10
CA GLN C 71 -61.71 -7.17 -38.40
C GLN C 71 -62.21 -8.20 -37.40
N LEU C 72 -61.30 -8.95 -36.77
CA LEU C 72 -61.67 -10.00 -35.82
C LEU C 72 -61.81 -9.52 -34.39
N SER C 73 -61.63 -8.24 -34.12
CA SER C 73 -61.70 -7.71 -32.76
C SER C 73 -62.95 -6.86 -32.60
N SER C 74 -63.80 -7.22 -31.65
CA SER C 74 -65.02 -6.46 -31.43
C SER C 74 -64.77 -5.15 -30.69
N THR C 75 -63.63 -4.98 -30.06
CA THR C 75 -63.33 -3.75 -29.34
C THR C 75 -62.51 -2.77 -30.16
N TYR C 76 -62.13 -3.13 -31.38
CA TYR C 76 -61.37 -2.25 -32.24
C TYR C 76 -62.16 -0.99 -32.60
N ARG C 77 -61.51 0.16 -32.52
CA ARG C 77 -62.08 1.42 -32.98
C ARG C 77 -61.08 2.07 -33.94
N ASP C 78 -61.56 2.46 -35.11
CA ASP C 78 -60.75 3.17 -36.09
C ASP C 78 -60.69 4.65 -35.74
N LEU C 79 -59.52 5.25 -35.89
CA LEU C 79 -59.36 6.69 -35.68
C LEU C 79 -59.30 7.45 -37.00
N ARG C 80 -59.32 6.73 -38.11
CA ARG C 80 -59.37 7.29 -39.46
C ARG C 80 -58.34 8.41 -39.64
N LYS C 81 -57.11 8.11 -39.22
CA LYS C 81 -55.97 9.00 -39.40
C LYS C 81 -54.76 8.15 -39.73
N GLY C 82 -53.94 8.65 -40.66
CA GLY C 82 -52.71 7.97 -40.99
C GLY C 82 -51.57 8.38 -40.08
N VAL C 83 -50.46 7.66 -40.22
CA VAL C 83 -49.29 7.90 -39.39
C VAL C 83 -48.10 7.24 -40.07
N TYR C 84 -46.95 7.85 -39.90
CA TYR C 84 -45.71 7.32 -40.44
C TYR C 84 -44.61 7.57 -39.42
N VAL C 85 -43.74 6.59 -39.21
CA VAL C 85 -42.65 6.69 -38.27
C VAL C 85 -41.34 6.29 -38.93
N PRO C 86 -40.36 7.16 -39.08
CA PRO C 86 -39.03 6.76 -39.52
C PRO C 86 -38.08 6.63 -38.35
N TYR C 87 -37.47 5.46 -38.17
CA TYR C 87 -36.47 5.32 -37.13
C TYR C 87 -35.10 5.57 -37.74
N THR C 88 -34.06 5.47 -36.91
CA THR C 88 -32.70 5.45 -37.46
C THR C 88 -32.56 4.32 -38.47
N GLN C 89 -33.15 3.18 -38.15
CA GLN C 89 -33.20 2.03 -39.04
C GLN C 89 -34.66 1.66 -39.29
N GLY C 90 -35.07 1.73 -40.56
CA GLY C 90 -36.40 1.30 -40.96
C GLY C 90 -37.47 2.37 -40.81
N LYS C 91 -38.63 2.09 -41.41
CA LYS C 91 -39.77 2.98 -41.30
C LYS C 91 -41.03 2.18 -41.62
N TRP C 92 -42.15 2.66 -41.13
CA TRP C 92 -43.43 2.04 -41.45
C TRP C 92 -44.50 3.12 -41.53
N GLU C 93 -45.60 2.79 -42.18
CA GLU C 93 -46.77 3.64 -42.13
C GLU C 93 -47.97 2.76 -41.83
N GLY C 94 -49.02 3.39 -41.33
CA GLY C 94 -50.17 2.63 -40.91
C GLY C 94 -51.33 3.50 -40.52
N GLU C 95 -52.32 2.86 -39.92
CA GLU C 95 -53.62 3.45 -39.64
C GLU C 95 -53.83 3.48 -38.13
N LEU C 96 -54.24 4.63 -37.59
CA LEU C 96 -54.40 4.72 -36.15
C LEU C 96 -55.76 4.23 -35.70
N GLY C 97 -55.79 3.60 -34.52
CA GLY C 97 -57.01 3.16 -33.90
C GLY C 97 -56.74 2.87 -32.44
N THR C 98 -57.78 2.44 -31.73
CA THR C 98 -57.61 1.99 -30.36
C THR C 98 -58.20 0.59 -30.22
N ASP C 99 -57.71 -0.11 -29.20
CA ASP C 99 -58.20 -1.44 -28.88
C ASP C 99 -57.72 -1.78 -27.47
N LEU C 100 -58.23 -2.88 -26.95
CA LEU C 100 -57.83 -3.37 -25.63
C LEU C 100 -56.51 -4.13 -25.74
N VAL C 101 -55.64 -3.94 -24.76
CA VAL C 101 -54.30 -4.50 -24.77
C VAL C 101 -54.02 -5.12 -23.41
N SER C 102 -53.37 -6.29 -23.39
CA SER C 102 -52.92 -6.93 -22.15
C SER C 102 -51.49 -7.43 -22.30
N ILE C 103 -50.84 -7.60 -21.15
CA ILE C 103 -49.50 -8.18 -21.06
C ILE C 103 -49.58 -9.41 -20.17
N PRO C 104 -49.64 -10.62 -20.75
CA PRO C 104 -49.82 -11.83 -19.94
C PRO C 104 -48.82 -11.99 -18.81
N HIS C 105 -47.53 -11.80 -19.06
CA HIS C 105 -46.51 -11.85 -18.01
C HIS C 105 -46.16 -10.45 -17.50
N GLY C 106 -47.18 -9.66 -17.22
CA GLY C 106 -47.02 -8.35 -16.64
C GLY C 106 -48.10 -8.17 -15.61
N PRO C 107 -48.48 -6.93 -15.31
CA PRO C 107 -49.59 -6.72 -14.37
C PRO C 107 -50.89 -7.22 -14.99
N ASN C 108 -51.81 -7.64 -14.12
CA ASN C 108 -53.06 -8.22 -14.62
C ASN C 108 -54.08 -7.10 -14.75
N VAL C 109 -53.98 -6.39 -15.88
CA VAL C 109 -54.88 -5.29 -16.20
C VAL C 109 -55.12 -5.29 -17.71
N THR C 110 -56.11 -4.53 -18.13
CA THR C 110 -56.43 -4.37 -19.55
C THR C 110 -56.70 -2.89 -19.80
N VAL C 111 -56.00 -2.32 -20.77
CA VAL C 111 -56.09 -0.89 -21.05
C VAL C 111 -56.52 -0.68 -22.49
N ARG C 112 -57.29 0.38 -22.73
CA ARG C 112 -57.55 0.83 -24.09
C ARG C 112 -56.39 1.74 -24.49
N ALA C 113 -55.69 1.36 -25.56
CA ALA C 113 -54.48 2.05 -25.95
C ALA C 113 -54.50 2.41 -27.44
N ASN C 114 -53.77 3.45 -27.78
CA ASN C 114 -53.54 3.77 -29.18
C ASN C 114 -52.71 2.66 -29.83
N ILE C 115 -53.11 2.27 -31.04
CA ILE C 115 -52.41 1.24 -31.81
C ILE C 115 -52.28 1.72 -33.25
N ALA C 116 -51.05 1.78 -33.74
CA ALA C 116 -50.82 2.02 -35.16
C ALA C 116 -50.79 0.66 -35.85
N ALA C 117 -51.78 0.41 -36.70
CA ALA C 117 -51.86 -0.82 -37.48
C ALA C 117 -50.98 -0.67 -38.70
N ILE C 118 -49.86 -1.37 -38.73
CA ILE C 118 -48.87 -1.19 -39.79
C ILE C 118 -49.37 -1.82 -41.08
N THR C 119 -49.46 -1.01 -42.11
CA THR C 119 -49.93 -1.38 -43.45
C THR C 119 -48.80 -1.61 -44.43
N GLU C 120 -47.71 -0.86 -44.29
CA GLU C 120 -46.55 -0.90 -45.16
C GLU C 120 -45.32 -0.60 -44.33
N SER C 121 -44.18 -1.13 -44.75
CA SER C 121 -42.98 -0.95 -43.96
C SER C 121 -41.81 -1.11 -44.93
N ASP C 122 -40.66 -0.53 -44.56
CA ASP C 122 -39.44 -0.63 -45.36
C ASP C 122 -38.27 -0.89 -44.42
N LYS C 123 -37.68 -2.07 -44.54
CA LYS C 123 -36.54 -2.49 -43.69
C LYS C 123 -36.82 -2.21 -42.21
N PHE C 124 -38.05 -2.47 -41.78
CA PHE C 124 -38.42 -2.34 -40.38
C PHE C 124 -38.46 -3.70 -39.68
N PHE C 125 -39.36 -4.58 -40.11
CA PHE C 125 -39.38 -5.94 -39.58
C PHE C 125 -38.10 -6.67 -39.94
N ILE C 126 -37.62 -7.48 -39.01
CA ILE C 126 -36.36 -8.21 -39.13
C ILE C 126 -36.65 -9.70 -39.33
N ASN C 127 -36.04 -10.29 -40.35
CA ASN C 127 -36.32 -11.68 -40.67
C ASN C 127 -35.88 -12.60 -39.53
N GLY C 128 -36.84 -13.34 -38.98
CA GLY C 128 -36.55 -14.28 -37.93
C GLY C 128 -36.43 -13.70 -36.54
N SER C 129 -36.79 -12.43 -36.33
CA SER C 129 -36.64 -11.82 -35.02
C SER C 129 -37.68 -12.32 -34.02
N ASN C 130 -38.79 -12.87 -34.52
CA ASN C 130 -39.91 -13.39 -33.76
C ASN C 130 -40.74 -12.32 -33.05
N TRP C 131 -40.55 -11.02 -33.36
CA TRP C 131 -41.50 -10.02 -32.90
C TRP C 131 -42.26 -9.42 -34.08
N GLU C 132 -43.46 -8.92 -33.81
CA GLU C 132 -44.38 -8.47 -34.84
C GLU C 132 -44.81 -7.03 -34.67
N GLY C 133 -44.41 -6.38 -33.58
CA GLY C 133 -44.80 -5.01 -33.33
C GLY C 133 -43.78 -4.36 -32.42
N ILE C 134 -44.03 -3.09 -32.08
CA ILE C 134 -43.08 -2.31 -31.30
C ILE C 134 -43.83 -1.53 -30.22
N LEU C 135 -43.25 -1.50 -29.03
CA LEU C 135 -43.83 -0.79 -27.89
C LEU C 135 -42.91 0.36 -27.51
N GLY C 136 -43.22 1.55 -28.00
CA GLY C 136 -42.46 2.74 -27.65
C GLY C 136 -42.77 3.23 -26.24
N LEU C 137 -41.79 3.14 -25.35
CA LEU C 137 -42.00 3.46 -23.95
C LEU C 137 -41.61 4.88 -23.58
N ALA C 138 -41.15 5.69 -24.55
CA ALA C 138 -40.76 7.06 -24.27
C ALA C 138 -41.99 7.97 -24.27
N TYR C 139 -41.78 9.28 -24.25
CA TYR C 139 -42.83 10.22 -23.90
C TYR C 139 -43.56 10.76 -25.13
N ALA C 140 -44.74 11.35 -24.87
CA ALA C 140 -45.62 11.80 -25.95
C ALA C 140 -44.92 12.75 -26.91
N GLU C 141 -43.97 13.55 -26.41
CA GLU C 141 -43.40 14.61 -27.25
C GLU C 141 -42.78 14.11 -28.55
N ILE C 142 -42.32 12.86 -28.59
CA ILE C 142 -41.77 12.34 -29.84
C ILE C 142 -42.69 11.34 -30.51
N ALA C 143 -43.95 11.27 -30.08
CA ALA C 143 -44.90 10.41 -30.77
C ALA C 143 -45.30 10.99 -32.13
N ARG C 144 -45.57 10.09 -33.10
CA ARG C 144 -46.17 10.47 -34.37
C ARG C 144 -47.65 10.12 -34.37
N PRO C 145 -48.49 10.89 -35.07
CA PRO C 145 -48.07 12.08 -35.82
C PRO C 145 -47.79 13.32 -34.97
N ASP C 146 -48.21 13.36 -33.70
CA ASP C 146 -47.93 14.50 -32.85
C ASP C 146 -48.12 14.08 -31.40
N ASP C 147 -47.83 15.01 -30.47
CA ASP C 147 -47.83 14.67 -29.05
C ASP C 147 -49.22 14.49 -28.44
N SER C 148 -50.28 14.57 -29.23
CA SER C 148 -51.59 14.26 -28.69
C SER C 148 -51.92 12.78 -28.78
N LEU C 149 -51.08 11.98 -29.44
CA LEU C 149 -51.34 10.54 -29.43
C LEU C 149 -50.68 9.96 -28.18
N GLU C 150 -51.52 9.69 -27.19
CA GLU C 150 -51.07 9.17 -25.91
C GLU C 150 -50.28 7.87 -26.08
N PRO C 151 -49.02 7.81 -25.65
CA PRO C 151 -48.27 6.55 -25.68
C PRO C 151 -48.88 5.51 -24.74
N PHE C 152 -48.55 4.24 -25.02
CA PHE C 152 -49.10 3.12 -24.26
C PHE C 152 -48.89 3.29 -22.76
N PHE C 153 -47.65 3.57 -22.32
CA PHE C 153 -47.40 3.54 -20.89
C PHE C 153 -48.16 4.64 -20.15
N ASP C 154 -48.36 5.79 -20.78
CA ASP C 154 -49.21 6.81 -20.17
C ASP C 154 -50.65 6.32 -20.04
N SER C 155 -51.15 5.58 -21.03
CA SER C 155 -52.49 5.01 -20.94
C SER C 155 -52.59 4.03 -19.77
N LEU C 156 -51.59 3.15 -19.63
CA LEU C 156 -51.57 2.18 -18.55
C LEU C 156 -51.66 2.87 -17.19
N VAL C 157 -50.85 3.91 -16.98
CA VAL C 157 -50.82 4.60 -15.70
C VAL C 157 -52.15 5.36 -15.46
N LYS C 158 -52.74 5.97 -16.51
CA LYS C 158 -54.02 6.69 -16.44
C LYS C 158 -55.19 5.79 -16.05
N GLN C 159 -55.25 4.56 -16.59
CA GLN C 159 -56.42 3.71 -16.48
C GLN C 159 -56.30 2.66 -15.38
N THR C 160 -55.11 2.46 -14.82
CA THR C 160 -54.95 1.46 -13.77
C THR C 160 -54.28 2.08 -12.55
N HIS C 161 -53.93 1.24 -11.58
CA HIS C 161 -53.20 1.67 -10.42
C HIS C 161 -51.72 1.35 -10.52
N VAL C 162 -51.26 0.90 -11.69
CA VAL C 162 -49.85 0.57 -11.91
C VAL C 162 -49.02 1.82 -11.67
N PRO C 163 -48.06 1.77 -10.75
CA PRO C 163 -47.17 2.93 -10.52
C PRO C 163 -46.40 3.32 -11.78
N ASN C 164 -46.04 4.60 -11.84
CA ASN C 164 -45.48 5.23 -13.04
C ASN C 164 -43.95 5.06 -13.09
N LEU C 165 -43.54 3.80 -13.24
CA LEU C 165 -42.15 3.49 -13.53
C LEU C 165 -42.07 2.04 -14.01
N PHE C 166 -41.00 1.75 -14.73
CA PHE C 166 -40.69 0.39 -15.13
C PHE C 166 -39.18 0.22 -15.11
N SER C 167 -38.75 -1.04 -15.12
CA SER C 167 -37.33 -1.35 -15.10
C SER C 167 -37.02 -2.45 -16.10
N LEU C 168 -35.82 -2.37 -16.68
CA LEU C 168 -35.39 -3.31 -17.70
C LEU C 168 -34.10 -3.97 -17.25
N GLN C 169 -34.11 -5.28 -17.22
CA GLN C 169 -32.93 -6.11 -17.01
C GLN C 169 -32.76 -6.87 -18.32
N LEU C 170 -31.90 -6.36 -19.19
CA LEU C 170 -31.60 -6.98 -20.48
C LEU C 170 -30.36 -7.84 -20.30
N CYS C 171 -30.46 -9.12 -20.61
CA CYS C 171 -29.35 -10.05 -20.44
C CYS C 171 -28.79 -10.47 -21.80
N GLY C 172 -27.47 -10.51 -21.92
CA GLY C 172 -26.81 -10.83 -23.15
C GLY C 172 -26.70 -12.34 -23.35
N ALA C 173 -25.92 -12.72 -24.35
CA ALA C 173 -25.75 -14.14 -24.69
C ALA C 173 -24.79 -14.84 -23.74
N ALA C 184 -35.03 -16.80 -28.05
CA ALA C 184 -34.45 -18.07 -28.49
C ALA C 184 -32.91 -17.98 -28.52
N SER C 185 -32.37 -17.14 -27.63
CA SER C 185 -30.97 -16.75 -27.62
C SER C 185 -30.71 -15.82 -26.43
N VAL C 186 -31.48 -14.75 -26.28
CA VAL C 186 -31.33 -13.83 -25.17
C VAL C 186 -32.66 -13.75 -24.41
N GLY C 187 -32.57 -13.28 -23.17
CA GLY C 187 -33.75 -13.06 -22.33
C GLY C 187 -33.57 -11.85 -21.44
N GLY C 188 -34.59 -11.60 -20.62
CA GLY C 188 -34.52 -10.52 -19.67
C GLY C 188 -35.86 -10.30 -19.00
N SER C 189 -35.96 -9.18 -18.27
CA SER C 189 -37.14 -8.86 -17.50
C SER C 189 -37.51 -7.41 -17.73
N MET C 190 -38.81 -7.16 -17.93
CA MET C 190 -39.39 -5.84 -17.85
C MET C 190 -40.34 -5.85 -16.65
N ILE C 191 -39.92 -5.21 -15.57
CA ILE C 191 -40.73 -5.09 -14.38
C ILE C 191 -41.59 -3.84 -14.54
N ILE C 192 -42.89 -4.05 -14.68
CA ILE C 192 -43.83 -2.96 -14.91
C ILE C 192 -44.42 -2.52 -13.58
N GLY C 193 -44.22 -1.26 -13.23
CA GLY C 193 -44.78 -0.71 -12.03
C GLY C 193 -43.89 -0.76 -10.80
N GLY C 194 -42.65 -1.19 -10.94
CA GLY C 194 -41.79 -1.26 -9.76
C GLY C 194 -40.42 -1.77 -10.09
N ILE C 195 -39.72 -2.10 -9.00
CA ILE C 195 -38.33 -2.52 -9.01
C ILE C 195 -38.28 -3.89 -8.33
N ASP C 196 -37.55 -4.84 -8.92
CA ASP C 196 -37.43 -6.19 -8.37
C ASP C 196 -36.01 -6.39 -7.87
N HIS C 197 -35.86 -6.58 -6.54
CA HIS C 197 -34.56 -6.55 -5.90
C HIS C 197 -33.71 -7.78 -6.18
N SER C 198 -34.27 -8.85 -6.73
CA SER C 198 -33.42 -10.00 -7.04
C SER C 198 -32.68 -9.85 -8.36
N LEU C 199 -33.00 -8.82 -9.15
CA LEU C 199 -32.41 -8.64 -10.47
C LEU C 199 -31.13 -7.83 -10.44
N TYR C 200 -30.72 -7.31 -9.29
CA TYR C 200 -29.50 -6.53 -9.26
C TYR C 200 -28.81 -6.71 -7.92
N THR C 201 -27.53 -6.35 -7.89
CA THR C 201 -26.72 -6.32 -6.68
C THR C 201 -26.20 -4.90 -6.45
N GLY C 202 -25.88 -4.59 -5.21
CA GLY C 202 -25.30 -3.29 -4.91
C GLY C 202 -26.34 -2.18 -4.92
N SER C 203 -25.85 -0.97 -5.05
CA SER C 203 -26.71 0.21 -5.00
C SER C 203 -27.22 0.62 -6.38
N LEU C 204 -28.45 1.14 -6.38
CA LEU C 204 -28.99 1.91 -7.49
C LEU C 204 -28.48 3.34 -7.41
N TRP C 205 -27.99 3.87 -8.53
CA TRP C 205 -27.57 5.26 -8.67
C TRP C 205 -28.45 5.95 -9.71
N TYR C 206 -28.92 7.16 -9.41
CA TYR C 206 -29.91 7.83 -10.24
C TYR C 206 -29.34 9.04 -10.96
N THR C 207 -29.70 9.18 -12.24
CA THR C 207 -29.39 10.32 -13.07
C THR C 207 -30.69 10.98 -13.50
N PRO C 208 -30.74 12.33 -13.57
CA PRO C 208 -31.99 13.00 -13.93
C PRO C 208 -32.39 12.73 -15.37
N ILE C 209 -33.69 12.58 -15.58
CA ILE C 209 -34.24 12.71 -16.92
C ILE C 209 -34.26 14.21 -17.23
N ARG C 210 -33.46 14.61 -18.22
CA ARG C 210 -33.30 16.04 -18.46
C ARG C 210 -34.59 16.66 -18.97
N ARG C 211 -35.29 15.95 -19.84
CA ARG C 211 -36.53 16.43 -20.39
C ARG C 211 -37.32 15.22 -20.84
N GLU C 212 -38.64 15.25 -20.65
CA GLU C 212 -39.49 14.10 -20.95
C GLU C 212 -39.86 14.11 -22.42
N TRP C 213 -38.96 13.55 -23.23
CA TRP C 213 -39.27 13.26 -24.64
C TRP C 213 -38.64 11.89 -24.99
N TYR C 214 -37.39 11.87 -25.40
CA TYR C 214 -36.59 10.67 -25.18
C TYR C 214 -36.34 10.49 -23.68
N TYR C 215 -35.71 9.39 -23.33
CA TYR C 215 -35.12 9.27 -21.99
C TYR C 215 -33.74 9.92 -22.08
N GLU C 216 -33.74 11.25 -21.96
CA GLU C 216 -32.51 12.04 -22.13
C GLU C 216 -31.77 12.18 -20.81
N VAL C 217 -30.47 11.92 -20.85
CA VAL C 217 -29.60 12.03 -19.69
C VAL C 217 -28.38 12.84 -20.11
N ILE C 218 -27.54 13.19 -19.13
CA ILE C 218 -26.37 14.01 -19.35
C ILE C 218 -25.13 13.20 -18.98
N ILE C 219 -24.26 12.98 -19.96
CA ILE C 219 -22.97 12.35 -19.72
C ILE C 219 -21.99 13.45 -19.38
N VAL C 220 -21.30 13.33 -18.24
CA VAL C 220 -20.46 14.42 -17.75
C VAL C 220 -18.98 14.13 -17.84
N ARG C 221 -18.59 12.90 -18.13
CA ARG C 221 -17.19 12.53 -18.22
C ARG C 221 -17.10 11.19 -18.92
N VAL C 222 -16.06 11.00 -19.72
CA VAL C 222 -15.81 9.74 -20.36
C VAL C 222 -14.34 9.40 -20.14
N GLU C 223 -14.09 8.18 -19.67
CA GLU C 223 -12.75 7.68 -19.44
C GLU C 223 -12.61 6.36 -20.17
N ILE C 224 -11.43 6.15 -20.75
CA ILE C 224 -11.11 4.89 -21.42
C ILE C 224 -9.91 4.31 -20.69
N ASN C 225 -10.07 3.12 -20.09
CA ASN C 225 -9.03 2.51 -19.25
C ASN C 225 -8.51 3.48 -18.18
N GLY C 226 -9.40 4.31 -17.63
CA GLY C 226 -9.00 5.25 -16.62
C GLY C 226 -8.45 6.58 -17.12
N GLN C 227 -8.34 6.76 -18.42
CA GLN C 227 -7.83 7.99 -19.00
C GLN C 227 -9.01 8.81 -19.52
N ASP C 228 -9.10 10.07 -19.09
CA ASP C 228 -10.20 10.92 -19.51
C ASP C 228 -10.03 11.30 -20.98
N LEU C 229 -11.11 11.18 -21.77
CA LEU C 229 -11.08 11.56 -23.19
C LEU C 229 -10.81 13.04 -23.39
N LYS C 230 -10.89 13.83 -22.31
CA LYS C 230 -10.52 15.26 -22.28
C LYS C 230 -11.17 16.03 -23.43
N MET C 231 -12.46 15.83 -23.59
CA MET C 231 -13.27 16.63 -24.48
C MET C 231 -14.17 17.53 -23.65
N ASP C 232 -14.58 18.63 -24.24
CA ASP C 232 -15.63 19.42 -23.62
C ASP C 232 -16.89 18.56 -23.53
N CYS C 233 -17.44 18.43 -22.33
CA CYS C 233 -18.50 17.44 -22.12
C CYS C 233 -19.75 17.76 -22.92
N LYS C 234 -19.88 18.98 -23.43
CA LYS C 234 -20.98 19.27 -24.34
C LYS C 234 -20.94 18.37 -25.57
N GLU C 235 -19.73 18.00 -26.01
CA GLU C 235 -19.59 17.09 -27.14
C GLU C 235 -20.20 15.72 -26.87
N TYR C 236 -20.13 15.25 -25.61
CA TYR C 236 -20.70 13.94 -25.29
C TYR C 236 -22.21 13.93 -25.45
N ASN C 237 -22.86 15.09 -25.34
CA ASN C 237 -24.31 15.18 -25.39
C ASN C 237 -24.78 16.05 -26.54
N TYR C 238 -24.04 16.05 -27.65
CA TYR C 238 -24.37 16.82 -28.84
C TYR C 238 -25.05 15.90 -29.85
N ASP C 239 -26.34 16.09 -30.10
CA ASP C 239 -27.19 17.16 -29.56
C ASP C 239 -28.06 16.70 -28.42
N LYS C 240 -27.90 15.41 -28.06
CA LYS C 240 -28.59 14.80 -26.93
C LYS C 240 -27.89 13.49 -26.59
N SER C 241 -28.21 12.96 -25.41
CA SER C 241 -27.81 11.62 -25.00
C SER C 241 -29.06 10.92 -24.49
N ILE C 242 -29.35 9.72 -25.02
CA ILE C 242 -30.57 9.00 -24.67
C ILE C 242 -30.26 7.56 -24.28
N VAL C 243 -31.17 6.98 -23.48
CA VAL C 243 -31.15 5.56 -23.13
C VAL C 243 -32.19 4.84 -24.00
N ASP C 244 -31.74 3.87 -24.79
CA ASP C 244 -32.55 3.37 -25.90
C ASP C 244 -32.39 1.87 -26.03
N SER C 245 -33.36 1.12 -25.50
CA SER C 245 -33.31 -0.32 -25.60
C SER C 245 -33.57 -0.80 -27.03
N GLY C 246 -34.06 0.07 -27.90
CA GLY C 246 -34.35 -0.29 -29.27
C GLY C 246 -33.21 -0.12 -30.24
N THR C 247 -32.07 0.40 -29.80
CA THR C 247 -30.87 0.53 -30.61
C THR C 247 -29.83 -0.45 -30.06
N THR C 248 -29.13 -1.14 -30.97
CA THR C 248 -28.18 -2.16 -30.56
C THR C 248 -26.93 -1.52 -29.94
N ASN C 249 -26.31 -0.60 -30.66
CA ASN C 249 -24.97 -0.11 -30.38
C ASN C 249 -24.93 0.98 -29.33
N LEU C 250 -23.71 1.21 -28.83
CA LEU C 250 -23.36 2.52 -28.29
C LEU C 250 -23.10 3.43 -29.48
N ARG C 251 -23.93 4.45 -29.65
CA ARG C 251 -23.74 5.39 -30.75
C ARG C 251 -23.24 6.69 -30.14
N LEU C 252 -22.18 7.24 -30.73
CA LEU C 252 -21.45 8.40 -30.25
C LEU C 252 -21.43 9.49 -31.31
N PRO C 253 -21.55 10.76 -30.91
CA PRO C 253 -21.35 11.86 -31.88
C PRO C 253 -19.96 11.72 -32.52
N LYS C 254 -19.84 12.20 -33.78
CA LYS C 254 -18.62 12.01 -34.59
C LYS C 254 -17.33 12.22 -33.82
N LYS C 255 -17.18 13.41 -33.24
CA LYS C 255 -15.89 13.73 -32.60
C LYS C 255 -15.62 12.81 -31.43
N VAL C 256 -16.65 12.43 -30.68
CA VAL C 256 -16.45 11.53 -29.56
C VAL C 256 -16.12 10.14 -30.09
N PHE C 257 -16.83 9.70 -31.12
CA PHE C 257 -16.55 8.40 -31.73
C PHE C 257 -15.10 8.30 -32.17
N GLU C 258 -14.60 9.32 -32.85
CA GLU C 258 -13.21 9.32 -33.30
C GLU C 258 -12.24 9.27 -32.14
N ALA C 259 -12.44 10.13 -31.14
CA ALA C 259 -11.57 10.08 -29.96
C ALA C 259 -11.63 8.69 -29.32
N ALA C 260 -12.83 8.11 -29.23
CA ALA C 260 -12.96 6.83 -28.55
C ALA C 260 -12.33 5.71 -29.37
N VAL C 261 -12.51 5.71 -30.70
CA VAL C 261 -11.90 4.66 -31.52
C VAL C 261 -10.38 4.80 -31.54
N LYS C 262 -9.89 6.04 -31.57
CA LYS C 262 -8.45 6.27 -31.52
C LYS C 262 -7.84 5.74 -30.22
N SER C 263 -8.56 5.89 -29.10
CA SER C 263 -8.04 5.35 -27.85
C SER C 263 -8.15 3.82 -27.80
N ILE C 264 -9.25 3.26 -28.32
CA ILE C 264 -9.43 1.81 -28.30
C ILE C 264 -8.45 1.12 -29.24
N LYS C 265 -8.20 1.71 -30.42
CA LYS C 265 -7.16 1.22 -31.32
C LYS C 265 -5.81 1.19 -30.62
N ALA C 266 -5.41 2.33 -30.04
CA ALA C 266 -4.10 2.40 -29.40
C ALA C 266 -3.95 1.34 -28.31
N ALA C 267 -5.01 1.13 -27.51
CA ALA C 267 -4.90 0.14 -26.44
C ALA C 267 -4.81 -1.27 -26.99
N SER C 268 -5.35 -1.54 -28.18
CA SER C 268 -5.41 -2.90 -28.72
C SER C 268 -4.43 -3.13 -29.86
N SER C 269 -3.49 -2.21 -30.07
CA SER C 269 -2.57 -2.29 -31.21
C SER C 269 -1.65 -3.50 -31.18
N THR C 270 -1.64 -4.30 -30.10
CA THR C 270 -0.98 -5.60 -30.12
C THR C 270 -1.41 -6.42 -31.33
N GLU C 271 -2.69 -6.35 -31.68
CA GLU C 271 -3.23 -6.95 -32.89
C GLU C 271 -3.74 -5.85 -33.82
N LYS C 272 -3.74 -6.12 -35.11
CA LYS C 272 -4.26 -5.17 -36.07
C LYS C 272 -5.54 -5.72 -36.70
N PHE C 273 -6.46 -4.81 -37.01
CA PHE C 273 -7.78 -5.16 -37.50
C PHE C 273 -8.07 -4.37 -38.78
N PRO C 274 -8.89 -4.94 -39.67
CA PRO C 274 -9.31 -4.19 -40.86
C PRO C 274 -10.00 -2.90 -40.46
N ASP C 275 -9.89 -1.88 -41.31
CA ASP C 275 -10.63 -0.64 -41.06
C ASP C 275 -12.14 -0.87 -41.11
N GLY C 276 -12.58 -1.91 -41.82
CA GLY C 276 -14.01 -2.23 -41.84
C GLY C 276 -14.50 -2.76 -40.51
N PHE C 277 -13.61 -3.36 -39.72
CA PHE C 277 -13.99 -3.79 -38.38
C PHE C 277 -14.39 -2.61 -37.52
N TRP C 278 -13.60 -1.53 -37.55
CA TRP C 278 -13.87 -0.35 -36.73
C TRP C 278 -15.09 0.42 -37.18
N LEU C 279 -15.65 0.09 -38.35
CA LEU C 279 -16.86 0.74 -38.83
C LEU C 279 -18.11 -0.13 -38.70
N GLY C 280 -17.99 -1.31 -38.09
CA GLY C 280 -19.11 -2.23 -37.90
C GLY C 280 -19.47 -3.10 -39.07
N GLU C 281 -18.62 -3.13 -40.10
CA GLU C 281 -18.87 -3.81 -41.37
C GLU C 281 -18.34 -5.25 -41.38
N GLN C 282 -17.12 -5.46 -40.89
CA GLN C 282 -16.46 -6.77 -40.91
C GLN C 282 -16.37 -7.35 -39.51
N LEU C 283 -16.44 -8.68 -39.43
CA LEU C 283 -16.23 -9.35 -38.17
C LEU C 283 -14.74 -9.51 -37.88
N VAL C 284 -14.44 -9.86 -36.64
CA VAL C 284 -13.11 -10.29 -36.24
C VAL C 284 -13.30 -11.62 -35.52
N CYS C 285 -12.42 -12.57 -35.80
CA CYS C 285 -12.55 -13.89 -35.21
C CYS C 285 -11.26 -14.33 -34.54
N TRP C 286 -11.42 -15.20 -33.56
CA TRP C 286 -10.33 -15.87 -32.88
C TRP C 286 -10.73 -17.31 -32.66
N GLN C 287 -9.71 -18.18 -32.58
CA GLN C 287 -9.95 -19.56 -32.18
C GLN C 287 -10.75 -19.58 -30.89
N ALA C 288 -11.87 -20.32 -30.92
CA ALA C 288 -12.82 -20.38 -29.82
C ALA C 288 -12.14 -20.42 -28.46
N GLY C 289 -12.57 -19.54 -27.56
CA GLY C 289 -12.02 -19.48 -26.22
C GLY C 289 -10.69 -18.78 -26.08
N THR C 290 -10.19 -18.12 -27.13
CA THR C 290 -8.93 -17.40 -27.07
C THR C 290 -9.08 -15.91 -27.34
N THR C 291 -10.31 -15.39 -27.35
CA THR C 291 -10.52 -13.96 -27.51
C THR C 291 -9.63 -13.19 -26.53
N PRO C 292 -8.79 -12.28 -27.01
CA PRO C 292 -7.86 -11.55 -26.13
C PRO C 292 -8.50 -10.35 -25.45
N TRP C 293 -9.45 -10.63 -24.54
CA TRP C 293 -10.24 -9.58 -23.90
C TRP C 293 -9.37 -8.52 -23.25
N ASN C 294 -8.21 -8.90 -22.72
CA ASN C 294 -7.42 -8.00 -21.89
C ASN C 294 -6.82 -6.84 -22.66
N ILE C 295 -6.78 -6.90 -24.00
CA ILE C 295 -6.21 -5.80 -24.76
C ILE C 295 -7.26 -4.78 -25.15
N PHE C 296 -8.54 -5.07 -24.91
CA PHE C 296 -9.57 -4.09 -25.17
C PHE C 296 -9.92 -3.37 -23.88
N PRO C 297 -9.97 -2.05 -23.90
CA PRO C 297 -10.10 -1.27 -22.65
C PRO C 297 -11.53 -1.27 -22.14
N VAL C 298 -11.68 -0.84 -20.88
CA VAL C 298 -12.98 -0.52 -20.31
C VAL C 298 -13.33 0.93 -20.61
N ILE C 299 -14.60 1.19 -20.87
CA ILE C 299 -15.11 2.53 -21.12
C ILE C 299 -15.95 2.90 -19.92
N SER C 300 -15.68 4.07 -19.34
CA SER C 300 -16.42 4.57 -18.20
C SER C 300 -17.25 5.76 -18.65
N LEU C 301 -18.56 5.62 -18.60
CA LEU C 301 -19.48 6.72 -18.87
C LEU C 301 -19.96 7.25 -17.54
N TYR C 302 -19.63 8.50 -17.24
CA TYR C 302 -20.10 9.15 -16.03
C TYR C 302 -21.42 9.87 -16.32
N LEU C 303 -22.41 9.61 -15.49
CA LEU C 303 -23.71 10.23 -15.62
C LEU C 303 -23.88 11.24 -14.51
N MET C 304 -24.47 12.39 -14.85
CA MET C 304 -24.71 13.45 -13.88
C MET C 304 -25.60 12.94 -12.77
N GLY C 305 -25.24 13.23 -11.51
CA GLY C 305 -26.09 12.76 -10.44
C GLY C 305 -27.23 13.71 -10.20
N GLU C 306 -28.15 13.31 -9.33
CA GLU C 306 -29.25 14.22 -9.08
C GLU C 306 -28.72 15.42 -8.30
N VAL C 307 -27.66 15.19 -7.53
CA VAL C 307 -26.78 16.21 -7.00
C VAL C 307 -25.44 15.93 -7.67
N THR C 308 -24.72 16.99 -8.05
CA THR C 308 -23.53 16.76 -8.86
C THR C 308 -22.31 16.34 -8.06
N ASN C 309 -22.41 16.16 -6.74
CA ASN C 309 -21.34 15.42 -6.08
C ASN C 309 -21.80 14.00 -5.76
N GLN C 310 -22.91 13.58 -6.36
CA GLN C 310 -23.39 12.21 -6.33
C GLN C 310 -23.52 11.68 -7.75
N SER C 311 -22.68 12.20 -8.66
CA SER C 311 -22.61 11.61 -9.97
C SER C 311 -22.02 10.21 -9.83
N PHE C 312 -22.07 9.45 -10.91
CA PHE C 312 -21.58 8.08 -10.88
C PHE C 312 -21.12 7.67 -12.25
N ARG C 313 -20.42 6.55 -12.32
CA ARG C 313 -20.01 5.99 -13.59
C ARG C 313 -20.56 4.58 -13.73
N ILE C 314 -20.81 4.20 -14.99
CA ILE C 314 -21.03 2.82 -15.37
C ILE C 314 -19.86 2.42 -16.25
N THR C 315 -19.29 1.26 -16.00
CA THR C 315 -18.10 0.84 -16.72
C THR C 315 -18.49 -0.30 -17.64
N ILE C 316 -18.05 -0.19 -18.90
CA ILE C 316 -18.47 -1.06 -20.00
C ILE C 316 -17.27 -1.93 -20.33
N LEU C 317 -17.48 -3.25 -20.34
CA LEU C 317 -16.41 -4.17 -20.70
C LEU C 317 -16.42 -4.47 -22.19
N PRO C 318 -15.28 -4.90 -22.73
CA PRO C 318 -15.28 -5.32 -24.14
C PRO C 318 -16.26 -6.45 -24.44
N GLN C 319 -16.58 -7.29 -23.45
CA GLN C 319 -17.62 -8.29 -23.72
C GLN C 319 -18.96 -7.64 -24.07
N GLN C 320 -19.12 -6.35 -23.76
CA GLN C 320 -20.35 -5.67 -24.12
C GLN C 320 -20.24 -5.01 -25.50
N TYR C 321 -19.13 -4.35 -25.81
CA TYR C 321 -19.05 -3.65 -27.09
C TYR C 321 -18.37 -4.48 -28.18
N LEU C 322 -17.99 -5.71 -27.91
CA LEU C 322 -17.66 -6.68 -28.96
C LEU C 322 -18.82 -7.65 -28.99
N ARG C 323 -19.73 -7.43 -29.93
CA ARG C 323 -20.98 -8.18 -29.93
C ARG C 323 -20.76 -9.51 -30.64
N PRO C 324 -21.13 -10.63 -30.03
CA PRO C 324 -20.90 -11.93 -30.66
C PRO C 324 -21.84 -12.21 -31.82
N VAL C 325 -21.31 -12.85 -32.88
CA VAL C 325 -22.07 -13.17 -34.08
C VAL C 325 -21.71 -14.57 -34.56
N GLU C 326 -22.64 -15.21 -35.25
CA GLU C 326 -22.37 -16.54 -35.80
C GLU C 326 -21.23 -16.49 -36.82
N ASP C 327 -20.38 -17.51 -36.77
CA ASP C 327 -19.20 -17.58 -37.62
C ASP C 327 -19.62 -17.71 -39.08
N VAL C 328 -19.06 -16.85 -39.93
CA VAL C 328 -19.35 -16.82 -41.36
C VAL C 328 -18.51 -17.84 -42.10
N ALA C 329 -17.78 -18.68 -41.38
CA ALA C 329 -16.93 -19.70 -41.97
C ALA C 329 -17.37 -21.08 -41.49
N THR C 330 -16.67 -22.10 -41.98
CA THR C 330 -16.90 -23.49 -41.58
C THR C 330 -16.18 -23.86 -40.28
N SER C 331 -15.78 -22.87 -39.49
CA SER C 331 -15.03 -23.08 -38.26
C SER C 331 -15.91 -22.88 -37.04
N GLN C 332 -15.38 -23.33 -35.91
CA GLN C 332 -15.91 -22.99 -34.60
C GLN C 332 -14.97 -21.99 -33.94
N ASP C 333 -14.90 -20.80 -34.55
CA ASP C 333 -14.24 -19.66 -33.95
C ASP C 333 -15.26 -18.84 -33.16
N ASP C 334 -14.74 -17.94 -32.34
CA ASP C 334 -15.54 -16.89 -31.72
C ASP C 334 -15.36 -15.64 -32.56
N CYS C 335 -16.46 -15.10 -33.07
CA CYS C 335 -16.44 -13.94 -33.96
C CYS C 335 -17.26 -12.80 -33.38
N TYR C 336 -16.81 -11.57 -33.64
CA TYR C 336 -17.40 -10.40 -33.00
C TYR C 336 -17.51 -9.24 -33.98
N LYS C 337 -18.54 -8.43 -33.77
CA LYS C 337 -18.73 -7.16 -34.46
C LYS C 337 -18.50 -6.04 -33.46
N PHE C 338 -17.82 -4.99 -33.90
CA PHE C 338 -17.63 -3.80 -33.08
C PHE C 338 -18.96 -3.08 -32.92
N ALA C 339 -19.44 -2.98 -31.68
CA ALA C 339 -20.77 -2.44 -31.41
C ALA C 339 -20.73 -1.01 -30.89
N ILE C 340 -19.71 -0.24 -31.29
CA ILE C 340 -19.68 1.21 -31.13
C ILE C 340 -19.65 1.80 -32.52
N SER C 341 -20.53 2.76 -32.79
CA SER C 341 -20.59 3.36 -34.11
C SER C 341 -20.96 4.83 -34.03
N GLN C 342 -20.89 5.50 -35.16
CA GLN C 342 -21.00 6.93 -35.22
C GLN C 342 -22.45 7.38 -35.30
N SER C 343 -22.71 8.59 -34.80
CA SER C 343 -24.06 9.13 -34.81
C SER C 343 -24.00 10.60 -35.20
N SER C 344 -25.07 11.06 -35.84
CA SER C 344 -25.22 12.49 -36.12
C SER C 344 -26.39 13.09 -35.36
N THR C 345 -26.97 12.35 -34.42
CA THR C 345 -28.13 12.77 -33.65
C THR C 345 -27.89 12.55 -32.16
N GLY C 346 -26.64 12.60 -31.73
CA GLY C 346 -26.33 12.48 -30.31
C GLY C 346 -25.92 11.08 -29.91
N THR C 347 -25.66 10.95 -28.61
CA THR C 347 -25.29 9.68 -28.02
C THR C 347 -26.51 8.79 -27.85
N VAL C 348 -26.38 7.52 -28.20
CA VAL C 348 -27.41 6.53 -27.95
C VAL C 348 -26.78 5.47 -27.07
N MET C 349 -27.25 5.37 -25.84
CA MET C 349 -26.86 4.27 -24.96
C MET C 349 -27.80 3.11 -25.27
N GLY C 350 -27.38 2.28 -26.22
CA GLY C 350 -28.18 1.18 -26.71
C GLY C 350 -28.19 -0.06 -25.81
N ALA C 351 -28.79 -1.12 -26.36
CA ALA C 351 -28.95 -2.38 -25.62
C ALA C 351 -27.61 -2.95 -25.18
N VAL C 352 -26.58 -2.71 -25.97
CA VAL C 352 -25.26 -3.23 -25.63
C VAL C 352 -24.74 -2.53 -24.37
N ILE C 353 -25.16 -1.30 -24.11
CA ILE C 353 -24.79 -0.60 -22.88
C ILE C 353 -25.65 -1.09 -21.72
N MET C 354 -26.94 -1.32 -21.98
CA MET C 354 -27.88 -1.67 -20.92
C MET C 354 -27.70 -3.10 -20.41
N GLU C 355 -27.12 -3.99 -21.22
CA GLU C 355 -27.11 -5.41 -20.86
C GLU C 355 -26.33 -5.68 -19.58
N GLY C 356 -25.23 -4.99 -19.33
CA GLY C 356 -24.60 -5.18 -18.03
C GLY C 356 -25.48 -4.88 -16.81
N PHE C 357 -26.55 -4.09 -16.96
CA PHE C 357 -27.12 -3.36 -15.84
C PHE C 357 -28.61 -3.57 -15.68
N TYR C 358 -29.09 -3.27 -14.47
CA TYR C 358 -30.51 -3.13 -14.18
C TYR C 358 -30.84 -1.64 -14.28
N VAL C 359 -31.75 -1.28 -15.18
CA VAL C 359 -32.01 0.12 -15.52
C VAL C 359 -33.45 0.44 -15.13
N VAL C 360 -33.62 1.41 -14.24
CA VAL C 360 -34.91 1.81 -13.69
C VAL C 360 -35.35 3.10 -14.35
N PHE C 361 -36.48 3.06 -15.06
CA PHE C 361 -37.06 4.24 -15.71
C PHE C 361 -38.09 4.79 -14.74
N ASP C 362 -37.62 5.60 -13.80
CA ASP C 362 -38.42 6.14 -12.71
C ASP C 362 -39.07 7.42 -13.22
N ARG C 363 -40.13 7.22 -13.99
CA ARG C 363 -40.86 8.34 -14.59
C ARG C 363 -41.47 9.25 -13.53
N ALA C 364 -41.98 8.66 -12.44
CA ALA C 364 -42.62 9.44 -11.38
C ALA C 364 -41.68 10.50 -10.84
N ARG C 365 -40.39 10.20 -10.75
CA ARG C 365 -39.40 11.10 -10.17
C ARG C 365 -38.42 11.63 -11.21
N LYS C 366 -38.74 11.56 -12.50
CA LYS C 366 -37.91 12.14 -13.57
C LYS C 366 -36.45 11.71 -13.46
N ARG C 367 -36.23 10.41 -13.36
CA ARG C 367 -34.85 9.97 -13.19
C ARG C 367 -34.69 8.54 -13.69
N ILE C 368 -33.46 8.20 -14.02
CA ILE C 368 -33.11 6.86 -14.46
C ILE C 368 -32.08 6.31 -13.48
N GLY C 369 -32.31 5.11 -12.98
CA GLY C 369 -31.42 4.45 -12.04
C GLY C 369 -30.64 3.33 -12.71
N PHE C 370 -29.39 3.13 -12.27
CA PHE C 370 -28.52 2.08 -12.76
C PHE C 370 -27.97 1.27 -11.59
N ALA C 371 -27.98 -0.06 -11.75
CA ALA C 371 -27.33 -0.96 -10.83
C ALA C 371 -26.79 -2.15 -11.60
N VAL C 372 -25.80 -2.80 -10.99
CA VAL C 372 -25.22 -4.00 -11.59
C VAL C 372 -26.27 -5.09 -11.66
N SER C 373 -26.41 -5.70 -12.83
CA SER C 373 -27.43 -6.70 -13.03
C SER C 373 -26.99 -8.05 -12.49
N ALA C 374 -27.95 -8.82 -11.99
CA ALA C 374 -27.66 -10.18 -11.60
C ALA C 374 -27.12 -11.00 -12.78
N CYS C 375 -27.43 -10.62 -14.01
CA CYS C 375 -26.89 -11.30 -15.19
C CYS C 375 -25.76 -10.51 -15.85
N HIS C 376 -24.77 -10.09 -15.08
CA HIS C 376 -23.62 -9.41 -15.66
C HIS C 376 -22.69 -10.44 -16.29
N VAL C 377 -21.82 -9.99 -17.18
CA VAL C 377 -20.88 -10.89 -17.84
C VAL C 377 -19.59 -10.93 -17.04
N HIS C 378 -19.02 -12.12 -16.90
CA HIS C 378 -17.84 -12.32 -16.06
C HIS C 378 -16.59 -12.34 -16.95
N ASP C 379 -15.86 -11.22 -16.98
CA ASP C 379 -14.46 -11.20 -17.37
C ASP C 379 -13.67 -11.66 -16.15
N GLU C 380 -12.40 -12.05 -16.33
CA GLU C 380 -11.88 -12.70 -15.13
C GLU C 380 -10.92 -11.84 -14.31
N PHE C 381 -10.45 -10.66 -14.77
CA PHE C 381 -9.85 -9.79 -13.77
C PHE C 381 -10.69 -8.56 -13.62
N ARG C 382 -11.72 -8.37 -14.44
CA ARG C 382 -12.36 -7.08 -14.49
C ARG C 382 -13.85 -7.27 -14.34
N THR C 383 -14.51 -6.23 -13.87
CA THR C 383 -15.94 -6.34 -13.59
C THR C 383 -16.67 -5.06 -13.96
N ALA C 384 -17.78 -5.23 -14.66
CA ALA C 384 -18.72 -4.14 -14.89
C ALA C 384 -19.20 -3.59 -13.55
N ALA C 385 -19.41 -2.27 -13.50
CA ALA C 385 -19.73 -1.67 -12.21
C ALA C 385 -20.56 -0.40 -12.40
N VAL C 386 -21.24 -0.04 -11.33
CA VAL C 386 -21.92 1.24 -11.15
C VAL C 386 -21.33 1.78 -9.86
N GLU C 387 -20.52 2.84 -9.96
CA GLU C 387 -19.72 3.29 -8.82
C GLU C 387 -19.87 4.78 -8.61
N GLY C 388 -19.92 5.16 -7.32
CA GLY C 388 -19.98 6.54 -6.90
C GLY C 388 -19.66 6.67 -5.42
N PRO C 389 -19.67 7.89 -4.89
CA PRO C 389 -19.99 9.12 -5.65
C PRO C 389 -18.81 9.73 -6.41
N PHE C 390 -19.12 10.52 -7.44
CA PHE C 390 -18.17 11.42 -8.07
C PHE C 390 -18.70 12.85 -8.10
N VAL C 391 -17.79 13.82 -8.00
CA VAL C 391 -18.16 15.22 -8.20
C VAL C 391 -17.79 15.58 -9.63
N THR C 392 -18.75 16.14 -10.37
CA THR C 392 -18.54 16.35 -11.80
C THR C 392 -19.10 17.70 -12.23
N LEU C 393 -19.01 17.95 -13.54
CA LEU C 393 -19.64 19.11 -14.13
C LEU C 393 -21.15 18.88 -14.13
N ASP C 394 -21.91 19.98 -14.27
CA ASP C 394 -23.36 19.90 -14.16
C ASP C 394 -24.05 20.07 -15.52
N MET C 395 -25.37 20.25 -15.46
CA MET C 395 -26.19 20.30 -16.67
C MET C 395 -25.86 21.50 -17.54
N GLU C 396 -25.58 22.65 -16.93
CA GLU C 396 -25.29 23.84 -17.73
C GLU C 396 -23.92 23.74 -18.40
N ASP C 397 -22.98 23.01 -17.80
CA ASP C 397 -21.68 22.78 -18.43
C ASP C 397 -21.72 21.77 -19.57
N CYS C 398 -22.68 20.83 -19.55
CA CYS C 398 -22.61 19.68 -20.44
C CYS C 398 -23.83 19.48 -21.31
N GLY C 399 -24.97 20.09 -20.99
CA GLY C 399 -26.16 19.95 -21.81
C GLY C 399 -26.06 20.76 -23.09
N TYR C 400 -26.57 20.19 -24.18
CA TYR C 400 -26.63 20.92 -25.43
C TYR C 400 -27.90 21.76 -25.49
N ASN C 401 -27.80 22.93 -26.10
CA ASN C 401 -28.98 23.80 -26.31
C ASN C 401 -29.08 24.28 -27.76
C3 E4G D . 17.37 5.36 1.54
C5 E4G D . 18.50 6.31 1.11
C8 E4G D . 19.57 5.58 0.35
C11 E4G D . 20.74 5.11 -1.71
C12 E4G D . 21.53 4.17 -1.08
C14 E4G D . 21.35 3.93 0.27
C16 E4G D . 20.37 4.63 0.97
C19 E4G D . 20.07 6.06 -3.83
C22 E4G D . 19.74 5.24 -5.05
C25 E4G D . 18.60 4.26 -4.80
C28 E4G D . 19.05 3.05 -4.07
C32 E4G D . 17.27 1.93 -2.93
C33 E4G D . 17.45 2.65 -1.76
C35 E4G D . 16.65 2.36 -0.64
C36 E4G D . 15.69 1.36 -0.72
C38 E4G D . 15.53 0.66 -1.91
C39 E4G D . 16.31 0.93 -3.02
C42 E4G D . 14.45 -1.31 -3.13
C45 E4G D . 14.22 -0.76 -4.51
C47 E4G D . 14.67 -1.62 -5.67
C51 E4G D . 16.88 3.14 0.61
C53 E4G D . 16.14 6.11 1.99
C57 E4G D . 15.11 5.19 2.65
C62 E4G D . 13.08 5.17 3.98
C65 E4G D . 13.75 4.61 5.22
C66 E4G D . 14.31 5.46 6.18
C68 E4G D . 14.92 4.98 7.33
C69 E4G D . 14.96 3.61 7.53
C71 E4G D . 14.41 2.74 6.59
C73 E4G D . 13.81 3.23 5.45
C75 E4G D . 15.52 5.91 8.37
C77 E4G D . 17.01 6.14 8.20
C81 E4G D . 14.79 7.22 8.45
C9 E4G D . 19.76 5.81 -1.02
N1 E4G D . 17.07 4.45 0.45
N60 E4G D . 13.98 5.95 3.15
O18 E4G D . 21.01 5.29 -3.05
O31 E4G D . 17.98 2.13 -4.09
O41 E4G D . 14.54 -0.33 -1.94
O46 E4G D . 13.73 0.34 -4.69
O52 E4G D . 16.88 2.60 1.71
O55 E4G D . 16.52 7.11 2.94
C3 E4G E . 16.32 -17.66 30.52
C5 E4G E . 16.28 -17.77 29.00
C8 E4G E . 14.86 -17.78 28.51
C11 E4G E . 13.03 -16.71 27.34
C12 E4G E . 12.21 -17.78 27.61
C14 E4G E . 12.70 -18.85 28.34
C16 E4G E . 14.02 -18.84 28.79
C19 E4G E . 13.09 -14.47 26.48
C22 E4G E . 12.11 -13.40 26.89
C25 E4G E . 12.12 -13.16 28.36
C28 E4G E . 11.26 -14.16 29.06
C32 E4G E . 11.82 -14.36 31.36
C33 E4G E . 12.81 -15.31 31.15
C35 E4G E . 13.46 -15.87 32.26
C36 E4G E . 13.09 -15.48 33.55
C38 E4G E . 12.10 -14.51 33.71
C39 E4G E . 11.46 -13.95 32.63
C42 E4G E . 10.49 -13.21 35.17
C45 E4G E . 10.54 -11.80 34.66
C47 E4G E . 9.25 -11.10 34.41
C51 E4G E . 14.49 -16.93 31.99
C53 E4G E . 17.72 -17.32 31.05
C57 E4G E . 17.79 -17.49 32.57
C62 E4G E . 19.38 -17.53 34.43
C65 E4G E . 19.14 -19.01 34.71
C66 E4G E . 19.87 -20.00 34.04
C68 E4G E . 19.65 -21.35 34.29
C69 E4G E . 18.69 -21.72 35.23
C71 E4G E . 17.96 -20.75 35.89
C73 E4G E . 18.18 -19.41 35.65
C75 E4G E . 20.47 -22.43 33.58
C77 E4G E . 19.86 -22.88 32.27
C81 E4G E . 21.92 -22.03 33.39
C9 E4G E . 14.35 -16.69 27.78
N1 E4G E . 15.31 -16.71 30.95
N60 E4G E . 19.15 -17.17 33.03
O18 E4G E . 12.42 -15.71 26.61
O31 E4G E . 11.10 -13.73 30.39
O41 E4G E . 11.73 -14.05 34.99
O46 E4G E . 11.60 -11.28 34.43
O52 E4G E . 14.56 -17.93 32.69
O55 E4G E . 18.69 -18.20 30.46
C3 E4G F . -35.40 2.11 -33.10
C5 E4G F . -36.44 0.99 -32.85
C8 E4G F . -36.27 -0.17 -33.81
C11 E4G F . -35.58 -2.44 -34.27
C12 E4G F . -35.91 -2.28 -35.61
C14 E4G F . -36.39 -1.07 -36.04
C16 E4G F . -36.57 -0.02 -35.15
C19 E4G F . -34.50 -3.93 -32.74
C22 E4G F . -33.12 -4.46 -33.04
C25 E4G F . -32.13 -3.34 -33.30
C28 E4G F . -32.01 -3.05 -34.75
C32 E4G F . -30.90 -0.91 -34.93
C33 E4G F . -32.07 -0.20 -34.68
C35 E4G F . -32.03 1.20 -34.66
C36 E4G F . -30.82 1.87 -34.91
C38 E4G F . -29.66 1.12 -35.16
C39 E4G F . -29.70 -0.27 -35.18
C42 E4G F . -27.27 0.92 -35.83
C45 E4G F . -26.71 -0.07 -34.84
C47 E4G F . -25.84 -1.16 -35.39
C51 E4G F . -33.30 1.96 -34.40
C53 E4G F . -35.29 3.11 -31.92
C57 E4G F . -34.37 4.28 -32.23
C62 E4G F . -34.02 6.61 -31.61
C65 E4G F . -34.77 7.29 -32.73
C66 E4G F . -36.13 7.61 -32.57
C68 E4G F . -36.85 8.25 -33.59
C69 E4G F . -36.19 8.56 -34.78
C71 E4G F . -34.86 8.24 -34.94
C73 E4G F . -34.15 7.61 -33.93
C75 E4G F . -38.32 8.60 -33.39
C77 E4G F . -39.20 7.43 -33.79
C81 E4G F . -38.62 9.02 -31.96
C9 E4G F . -35.76 -1.39 -33.38
N1 E4G F . -34.10 1.50 -33.42
N60 E4G F . -34.58 5.33 -31.21
O18 E4G F . -35.12 -3.70 -33.99
O31 E4G F . -30.81 -2.28 -34.95
O41 E4G F . -28.45 1.76 -35.37
O46 E4G F . -26.98 0.01 -33.67
O52 E4G F . -33.59 2.96 -35.07
O55 E4G F . -36.56 3.66 -31.59
#